data_5JHP
#
_entry.id   5JHP
#
_cell.length_a   77.999
_cell.length_b   64.066
_cell.length_c   106.971
_cell.angle_alpha   90.00
_cell.angle_beta   97.03
_cell.angle_gamma   90.00
#
_symmetry.space_group_name_H-M   'P 1 21 1'
#
loop_
_entity.id
_entity.type
_entity.pdbx_description
1 polymer 'Protein TPR1'
2 polymer 'The rice D53 EAR peptide (794-808)'
#
loop_
_entity_poly.entity_id
_entity_poly.type
_entity_poly.pdbx_seq_one_letter_code
_entity_poly.pdbx_strand_id
1 'polypeptide(L)'
;MSSLSRELVFLILQFLDEEKFKETVHKLEQESGFFFNMKYFEEKVHAGEWDEVEKYLSGFTKVDDNRYSMKIFFEIRKQK
YLEALDRHDRAKAVDILVKDLKVFSTFNEELYKEITQLLTLENFRENEQLSKYGDTKSARSIMLIELKKLIEANPLFREK
LVFPTLKASRLRTLINQSANWQHQLCKNPRPNPDAKTLFTDHTCTPPNG
;
A,B,C,D
2 'polypeptide(L)' DNLIYLDLNLQDWDD E
#
# COMPACT_ATOMS: atom_id res chain seq x y z
N SER A 2 47.78 -11.33 -7.06
CA SER A 2 48.74 -11.95 -7.96
C SER A 2 48.07 -12.45 -9.23
N SER A 3 48.88 -12.74 -10.25
CA SER A 3 48.39 -13.37 -11.47
C SER A 3 48.14 -14.85 -11.24
N LEU A 4 48.85 -15.40 -10.25
CA LEU A 4 48.64 -16.78 -9.82
C LEU A 4 47.24 -16.94 -9.24
N SER A 5 46.93 -16.13 -8.23
CA SER A 5 45.63 -16.12 -7.58
C SER A 5 44.51 -16.03 -8.62
N ARG A 6 44.66 -15.07 -9.53
CA ARG A 6 43.67 -14.78 -10.55
C ARG A 6 43.29 -16.00 -11.41
N GLU A 7 44.29 -16.77 -11.81
CA GLU A 7 44.07 -17.92 -12.67
C GLU A 7 43.54 -19.13 -11.88
N LEU A 8 43.66 -19.07 -10.55
CA LEU A 8 43.11 -20.12 -9.72
C LEU A 8 41.61 -19.95 -9.62
N VAL A 9 41.18 -18.70 -9.52
CA VAL A 9 39.77 -18.33 -9.57
C VAL A 9 39.05 -19.05 -10.70
N PHE A 10 39.62 -18.95 -11.89
CA PHE A 10 39.07 -19.55 -13.11
C PHE A 10 38.94 -21.05 -13.04
N LEU A 11 39.94 -21.70 -12.44
CA LEU A 11 39.89 -23.14 -12.29
C LEU A 11 38.73 -23.51 -11.41
N ILE A 12 38.72 -22.92 -10.22
CA ILE A 12 37.64 -23.11 -9.27
C ILE A 12 36.29 -22.91 -9.95
N LEU A 13 36.15 -21.79 -10.66
CA LEU A 13 34.93 -21.49 -11.42
C LEU A 13 34.50 -22.69 -12.27
N GLN A 14 35.44 -23.26 -13.00
CA GLN A 14 35.15 -24.40 -13.87
C GLN A 14 34.56 -25.54 -13.08
N PHE A 15 35.13 -25.79 -11.90
CA PHE A 15 34.73 -26.87 -11.00
C PHE A 15 33.29 -26.71 -10.53
N LEU A 16 33.00 -25.53 -9.97
CA LEU A 16 31.68 -25.20 -9.46
C LEU A 16 30.60 -25.44 -10.51
N ASP A 17 30.88 -25.00 -11.73
CA ASP A 17 29.96 -25.16 -12.85
C ASP A 17 29.70 -26.63 -13.14
N GLU A 18 30.73 -27.46 -12.98
CA GLU A 18 30.62 -28.90 -13.21
C GLU A 18 29.93 -29.60 -12.05
N GLU A 19 29.98 -28.99 -10.87
CA GLU A 19 29.28 -29.53 -9.70
C GLU A 19 27.85 -29.00 -9.61
N LYS A 20 27.43 -28.29 -10.67
CA LYS A 20 26.11 -27.66 -10.74
C LYS A 20 25.81 -26.78 -9.52
N PHE A 21 26.83 -26.07 -9.05
CA PHE A 21 26.67 -25.04 -8.02
C PHE A 21 26.42 -23.67 -8.65
N LYS A 22 25.26 -23.50 -9.27
CA LYS A 22 24.97 -22.31 -10.07
C LYS A 22 25.17 -20.98 -9.34
N GLU A 23 24.51 -20.79 -8.19
CA GLU A 23 24.59 -19.52 -7.46
C GLU A 23 26.03 -19.20 -7.06
N THR A 24 26.75 -20.19 -6.54
CA THR A 24 28.10 -19.98 -6.05
C THR A 24 29.05 -19.54 -7.15
N VAL A 25 28.82 -20.04 -8.36
CA VAL A 25 29.58 -19.63 -9.52
C VAL A 25 29.52 -18.12 -9.69
N HIS A 26 28.30 -17.62 -9.77
CA HIS A 26 28.05 -16.24 -10.15
C HIS A 26 28.33 -15.27 -9.02
N LYS A 27 28.33 -15.76 -7.78
CA LYS A 27 28.77 -14.91 -6.68
C LYS A 27 30.27 -14.71 -6.80
N LEU A 28 30.96 -15.74 -7.29
CA LEU A 28 32.40 -15.68 -7.45
C LEU A 28 32.77 -14.72 -8.58
N GLU A 29 32.14 -14.91 -9.74
CA GLU A 29 32.30 -13.99 -10.86
C GLU A 29 32.17 -12.57 -10.36
N GLN A 30 31.10 -12.31 -9.62
CA GLN A 30 30.79 -10.97 -9.17
C GLN A 30 31.84 -10.43 -8.21
N GLU A 31 32.21 -11.24 -7.23
CA GLU A 31 33.09 -10.74 -6.17
C GLU A 31 34.53 -10.63 -6.65
N SER A 32 34.95 -11.55 -7.51
CA SER A 32 36.30 -11.52 -8.07
C SER A 32 36.46 -10.44 -9.15
N GLY A 33 35.40 -10.24 -9.93
CA GLY A 33 35.43 -9.23 -10.99
C GLY A 33 36.26 -9.67 -12.18
N PHE A 34 36.59 -10.95 -12.24
CA PHE A 34 37.46 -11.45 -13.30
C PHE A 34 36.70 -11.87 -14.56
N PHE A 35 35.50 -12.44 -14.40
CA PHE A 35 34.73 -12.90 -15.54
C PHE A 35 33.27 -12.46 -15.50
N PHE A 36 32.87 -11.75 -16.55
CA PHE A 36 31.50 -11.30 -16.69
C PHE A 36 30.72 -12.25 -17.58
N ASN A 37 29.82 -13.01 -16.96
CA ASN A 37 29.09 -14.05 -17.68
C ASN A 37 27.94 -13.49 -18.51
N MET A 38 28.20 -13.24 -19.79
CA MET A 38 27.20 -12.70 -20.70
C MET A 38 25.88 -13.46 -20.64
N LYS A 39 25.94 -14.75 -20.90
CA LYS A 39 24.75 -15.58 -20.95
C LYS A 39 23.99 -15.60 -19.61
N TYR A 40 24.71 -15.41 -18.50
CA TYR A 40 24.05 -15.27 -17.20
C TYR A 40 23.35 -13.93 -17.05
N PHE A 41 24.07 -12.87 -17.41
CA PHE A 41 23.51 -11.52 -17.42
C PHE A 41 22.26 -11.47 -18.27
N GLU A 42 22.40 -11.95 -19.52
CA GLU A 42 21.29 -12.00 -20.47
C GLU A 42 20.03 -12.60 -19.87
N GLU A 43 20.19 -13.76 -19.24
CA GLU A 43 19.08 -14.49 -18.64
C GLU A 43 18.41 -13.71 -17.53
N LYS A 44 19.21 -13.01 -16.73
CA LYS A 44 18.70 -12.23 -15.60
C LYS A 44 17.94 -11.00 -16.05
N VAL A 45 18.42 -10.36 -17.11
CA VAL A 45 17.72 -9.25 -17.73
C VAL A 45 16.33 -9.66 -18.20
N HIS A 46 16.24 -10.76 -18.95
CA HIS A 46 14.97 -11.26 -19.46
C HIS A 46 13.98 -11.51 -18.32
N ALA A 47 14.50 -11.96 -17.18
CA ALA A 47 13.67 -12.31 -16.03
C ALA A 47 13.18 -11.09 -15.27
N GLY A 48 13.80 -9.94 -15.53
CA GLY A 48 13.44 -8.71 -14.87
C GLY A 48 13.93 -8.67 -13.43
N GLU A 49 15.10 -9.25 -13.18
CA GLU A 49 15.68 -9.28 -11.85
C GLU A 49 16.60 -8.07 -11.65
N TRP A 50 16.00 -6.90 -11.54
CA TRP A 50 16.78 -5.67 -11.59
C TRP A 50 17.69 -5.49 -10.38
N ASP A 51 17.29 -6.02 -9.22
CA ASP A 51 18.10 -5.85 -8.01
C ASP A 51 19.34 -6.70 -8.12
N GLU A 52 19.18 -7.92 -8.64
CA GLU A 52 20.30 -8.81 -8.87
C GLU A 52 21.17 -8.28 -10.02
N VAL A 53 20.55 -7.83 -11.10
CA VAL A 53 21.29 -7.35 -12.25
C VAL A 53 22.26 -6.23 -11.87
N GLU A 54 21.76 -5.23 -11.12
CA GLU A 54 22.63 -4.14 -10.68
C GLU A 54 23.72 -4.63 -9.75
N LYS A 55 23.39 -5.65 -8.97
CA LYS A 55 24.31 -6.18 -7.98
C LYS A 55 25.47 -6.91 -8.65
N TYR A 56 25.17 -7.64 -9.71
CA TYR A 56 26.17 -8.39 -10.44
C TYR A 56 27.06 -7.46 -11.23
N LEU A 57 26.45 -6.43 -11.82
CA LEU A 57 27.19 -5.40 -12.52
C LEU A 57 28.15 -4.66 -11.60
N SER A 58 27.68 -4.40 -10.38
CA SER A 58 28.42 -3.59 -9.41
C SER A 58 29.74 -4.24 -9.02
N GLY A 59 29.92 -5.51 -9.36
CA GLY A 59 31.18 -6.20 -9.12
C GLY A 59 32.24 -5.88 -10.15
N PHE A 60 31.83 -5.20 -11.22
CA PHE A 60 32.71 -4.94 -12.35
C PHE A 60 32.88 -3.45 -12.65
N THR A 61 31.88 -2.65 -12.25
CA THR A 61 31.92 -1.21 -12.49
C THR A 61 30.89 -0.46 -11.63
N LYS A 62 31.20 0.80 -11.33
CA LYS A 62 30.26 1.69 -10.66
C LYS A 62 29.56 2.56 -11.70
N VAL A 63 28.46 3.19 -11.29
CA VAL A 63 27.58 3.92 -12.19
C VAL A 63 28.26 5.10 -12.90
N ASP A 64 29.21 5.74 -12.23
CA ASP A 64 29.82 6.95 -12.76
C ASP A 64 31.24 6.76 -13.26
N ASP A 65 31.63 5.50 -13.46
CA ASP A 65 33.01 5.18 -13.84
C ASP A 65 33.39 5.79 -15.19
N ASN A 66 32.73 5.37 -16.26
CA ASN A 66 32.93 6.00 -17.55
C ASN A 66 31.61 6.23 -18.28
N ARG A 67 31.67 6.69 -19.52
CA ARG A 67 30.47 6.99 -20.26
C ARG A 67 29.64 5.75 -20.62
N TYR A 68 30.33 4.63 -20.89
CA TYR A 68 29.63 3.39 -21.27
C TYR A 68 28.75 2.91 -20.13
N SER A 69 29.34 2.72 -18.96
CA SER A 69 28.65 2.12 -17.82
C SER A 69 27.58 3.06 -17.24
N MET A 70 27.77 4.36 -17.47
CA MET A 70 26.75 5.33 -17.14
C MET A 70 25.48 5.09 -17.96
N LYS A 71 25.63 4.83 -19.25
CA LYS A 71 24.46 4.56 -20.07
C LYS A 71 23.88 3.18 -19.77
N ILE A 72 24.75 2.20 -19.46
CA ILE A 72 24.28 0.87 -19.12
C ILE A 72 23.34 0.93 -17.93
N PHE A 73 23.78 1.64 -16.90
CA PHE A 73 22.96 1.78 -15.73
C PHE A 73 21.70 2.55 -16.04
N PHE A 74 21.83 3.75 -16.60
CA PHE A 74 20.66 4.56 -16.90
C PHE A 74 19.62 3.75 -17.66
N GLU A 75 20.06 2.98 -18.65
CA GLU A 75 19.17 2.15 -19.46
C GLU A 75 18.36 1.15 -18.63
N ILE A 76 19.04 0.45 -17.72
CA ILE A 76 18.34 -0.49 -16.84
C ILE A 76 17.31 0.24 -15.98
N ARG A 77 17.74 1.29 -15.29
CA ARG A 77 16.84 2.02 -14.40
C ARG A 77 15.75 2.78 -15.16
N LYS A 78 15.90 2.85 -16.49
CA LYS A 78 14.86 3.43 -17.32
C LYS A 78 13.76 2.41 -17.53
N GLN A 79 14.14 1.25 -18.07
CA GLN A 79 13.21 0.14 -18.25
C GLN A 79 12.48 -0.23 -16.95
N LYS A 80 13.21 -0.27 -15.84
CA LYS A 80 12.61 -0.57 -14.55
C LYS A 80 11.43 0.38 -14.25
N TYR A 81 11.64 1.65 -14.59
CA TYR A 81 10.66 2.69 -14.33
C TYR A 81 9.48 2.58 -15.31
N LEU A 82 9.78 2.14 -16.53
CA LEU A 82 8.72 2.04 -17.54
C LEU A 82 7.76 0.92 -17.15
N GLU A 83 8.30 -0.25 -16.82
CA GLU A 83 7.45 -1.37 -16.43
C GLU A 83 6.59 -1.04 -15.21
N ALA A 84 7.21 -0.37 -14.24
CA ALA A 84 6.48 0.11 -13.08
C ALA A 84 5.28 0.92 -13.56
N LEU A 85 5.52 1.85 -14.48
CA LEU A 85 4.45 2.62 -15.11
C LEU A 85 3.40 1.75 -15.82
N ASP A 86 3.87 0.76 -16.58
CA ASP A 86 2.96 -0.10 -17.34
C ASP A 86 2.00 -0.88 -16.44
N ARG A 87 2.46 -1.34 -15.29
CA ARG A 87 1.58 -2.09 -14.40
C ARG A 87 0.81 -1.11 -13.52
N HIS A 88 0.90 0.16 -13.89
CA HIS A 88 0.14 1.24 -13.26
C HIS A 88 0.49 1.46 -11.78
N ASP A 89 1.61 0.90 -11.35
CA ASP A 89 2.09 1.10 -9.99
C ASP A 89 2.85 2.41 -9.91
N ARG A 90 2.12 3.52 -10.08
CA ARG A 90 2.73 4.84 -10.08
C ARG A 90 3.43 5.16 -8.76
N ALA A 91 3.21 4.36 -7.73
CA ALA A 91 3.91 4.56 -6.48
C ALA A 91 5.36 4.14 -6.63
N LYS A 92 5.55 2.91 -7.12
CA LYS A 92 6.87 2.34 -7.32
C LYS A 92 7.65 3.11 -8.38
N ALA A 93 6.91 3.69 -9.34
CA ALA A 93 7.55 4.47 -10.38
C ALA A 93 8.25 5.66 -9.76
N VAL A 94 7.48 6.47 -9.02
CA VAL A 94 7.99 7.66 -8.35
C VAL A 94 9.16 7.36 -7.44
N ASP A 95 9.05 6.26 -6.72
CA ASP A 95 10.17 5.78 -5.93
C ASP A 95 11.38 5.56 -6.84
N ILE A 96 11.17 4.90 -7.98
CA ILE A 96 12.28 4.61 -8.88
C ILE A 96 12.86 5.91 -9.36
N LEU A 97 11.96 6.82 -9.75
CA LEU A 97 12.32 8.11 -10.31
C LEU A 97 13.30 8.86 -9.41
N VAL A 98 13.01 8.87 -8.11
CA VAL A 98 13.81 9.64 -7.17
C VAL A 98 15.07 8.91 -6.69
N LYS A 99 14.91 7.65 -6.30
CA LYS A 99 16.04 6.90 -5.76
C LYS A 99 17.06 6.47 -6.82
N ASP A 100 16.59 6.22 -8.05
CA ASP A 100 17.43 5.58 -9.06
C ASP A 100 17.76 6.42 -10.30
N LEU A 101 16.80 7.20 -10.77
CA LEU A 101 16.99 7.94 -12.00
C LEU A 101 17.51 9.35 -11.77
N LYS A 102 17.34 9.88 -10.56
CA LYS A 102 17.69 11.26 -10.26
C LYS A 102 19.20 11.57 -10.39
N VAL A 103 20.06 10.58 -10.13
CA VAL A 103 21.51 10.78 -10.24
C VAL A 103 21.93 11.18 -11.68
N PHE A 104 21.09 10.86 -12.66
CA PHE A 104 21.36 11.20 -14.06
C PHE A 104 20.81 12.56 -14.49
N SER A 105 20.20 13.30 -13.56
CA SER A 105 19.61 14.59 -13.91
C SER A 105 20.69 15.66 -14.08
N THR A 106 21.64 15.71 -13.15
CA THR A 106 22.81 16.58 -13.23
C THR A 106 23.39 16.66 -14.65
N PHE A 107 23.62 15.50 -15.24
CA PHE A 107 24.11 15.42 -16.61
C PHE A 107 23.04 15.93 -17.60
N ASN A 108 21.78 15.57 -17.38
CA ASN A 108 20.69 15.90 -18.31
C ASN A 108 19.42 16.36 -17.62
N GLU A 109 19.34 17.66 -17.31
CA GLU A 109 18.24 18.21 -16.52
C GLU A 109 16.90 18.14 -17.23
N GLU A 110 16.92 18.37 -18.53
CA GLU A 110 15.68 18.33 -19.29
C GLU A 110 15.20 16.91 -19.43
N LEU A 111 16.11 16.03 -19.81
CA LEU A 111 15.79 14.61 -19.96
C LEU A 111 15.08 14.10 -18.71
N TYR A 112 15.63 14.43 -17.54
CA TYR A 112 14.99 14.04 -16.28
C TYR A 112 13.58 14.58 -16.12
N LYS A 113 13.35 15.81 -16.58
CA LYS A 113 12.02 16.40 -16.47
C LYS A 113 11.05 15.67 -17.37
N GLU A 114 11.54 15.24 -18.52
CA GLU A 114 10.72 14.59 -19.54
C GLU A 114 10.33 13.18 -19.06
N ILE A 115 11.27 12.54 -18.35
CA ILE A 115 11.03 11.23 -17.76
C ILE A 115 10.04 11.32 -16.61
N THR A 116 10.11 12.44 -15.89
CA THR A 116 9.20 12.74 -14.80
C THR A 116 7.78 13.00 -15.30
N GLN A 117 7.65 13.59 -16.49
CA GLN A 117 6.33 13.92 -17.02
C GLN A 117 5.59 12.70 -17.59
N LEU A 118 6.29 11.58 -17.75
CA LEU A 118 5.63 10.34 -18.21
C LEU A 118 4.66 9.82 -17.15
N LEU A 119 4.73 10.40 -15.96
CA LEU A 119 3.89 9.98 -14.85
C LEU A 119 2.44 10.43 -14.99
N THR A 120 2.22 11.49 -15.75
CA THR A 120 0.88 12.06 -15.87
C THR A 120 0.13 11.52 -17.11
N LEU A 121 0.86 10.88 -18.03
CA LEU A 121 0.24 10.30 -19.22
C LEU A 121 -0.62 9.10 -18.85
N GLU A 122 -1.68 8.86 -19.65
CA GLU A 122 -2.57 7.71 -19.46
C GLU A 122 -1.85 6.44 -19.86
N ASN A 123 -1.02 6.58 -20.88
CA ASN A 123 -0.14 5.53 -21.35
C ASN A 123 1.09 6.22 -21.92
N PHE A 124 2.28 5.88 -21.44
CA PHE A 124 3.47 6.65 -21.80
C PHE A 124 3.81 6.53 -23.28
N ARG A 125 3.09 5.69 -23.99
CA ARG A 125 3.28 5.57 -25.42
C ARG A 125 2.63 6.78 -26.11
N GLU A 126 2.06 7.69 -25.30
CA GLU A 126 1.58 8.98 -25.82
C GLU A 126 2.79 9.81 -26.22
N ASN A 127 3.93 9.49 -25.62
CA ASN A 127 5.19 10.11 -25.95
C ASN A 127 5.78 9.43 -27.19
N GLU A 128 6.02 10.19 -28.24
CA GLU A 128 6.36 9.62 -29.54
C GLU A 128 7.64 8.80 -29.54
N GLN A 129 8.61 9.20 -28.72
CA GLN A 129 9.88 8.51 -28.68
C GLN A 129 9.73 7.11 -28.07
N LEU A 130 8.61 6.90 -27.37
CA LEU A 130 8.29 5.62 -26.74
C LEU A 130 7.08 4.92 -27.31
N SER A 131 6.54 5.41 -28.44
CA SER A 131 5.29 4.87 -28.97
C SER A 131 5.49 3.46 -29.54
N LYS A 132 6.74 3.02 -29.59
CA LYS A 132 7.12 1.75 -30.20
C LYS A 132 7.42 0.67 -29.15
N TYR A 133 7.53 1.08 -27.90
CA TYR A 133 7.72 0.17 -26.78
C TYR A 133 6.58 -0.83 -26.82
N GLY A 134 6.92 -2.08 -27.12
CA GLY A 134 5.92 -3.12 -27.39
C GLY A 134 5.21 -3.80 -26.24
N ASP A 135 5.96 -4.48 -25.40
CA ASP A 135 5.46 -5.06 -24.16
C ASP A 135 6.69 -5.33 -23.32
N THR A 136 6.49 -5.94 -22.15
CA THR A 136 7.61 -6.22 -21.25
C THR A 136 8.68 -7.00 -22.01
N LYS A 137 8.28 -8.16 -22.54
CA LYS A 137 9.19 -9.09 -23.21
C LYS A 137 9.93 -8.53 -24.43
N SER A 138 9.23 -7.84 -25.33
CA SER A 138 9.87 -7.27 -26.51
C SER A 138 10.87 -6.17 -26.14
N ALA A 139 10.55 -5.46 -25.05
CA ALA A 139 11.33 -4.30 -24.64
C ALA A 139 12.60 -4.69 -23.90
N ARG A 140 12.52 -5.75 -23.09
CA ARG A 140 13.70 -6.17 -22.37
C ARG A 140 14.74 -6.73 -23.33
N SER A 141 14.30 -7.58 -24.25
CA SER A 141 15.20 -8.19 -25.22
C SER A 141 15.83 -7.13 -26.12
N ILE A 142 15.02 -6.16 -26.56
CA ILE A 142 15.50 -5.11 -27.44
C ILE A 142 16.45 -4.18 -26.66
N MET A 143 16.22 -4.02 -25.35
CA MET A 143 17.19 -3.29 -24.53
C MET A 143 18.44 -4.14 -24.30
N LEU A 144 18.25 -5.46 -24.19
CA LEU A 144 19.36 -6.37 -23.93
C LEU A 144 20.39 -6.25 -25.03
N ILE A 145 19.89 -6.13 -26.26
CA ILE A 145 20.73 -6.03 -27.43
C ILE A 145 21.69 -4.85 -27.31
N GLU A 146 21.15 -3.72 -26.89
CA GLU A 146 21.97 -2.52 -26.68
C GLU A 146 23.02 -2.79 -25.62
N LEU A 147 22.59 -3.42 -24.54
CA LEU A 147 23.46 -3.64 -23.39
C LEU A 147 24.69 -4.48 -23.74
N LYS A 148 24.50 -5.57 -24.49
CA LYS A 148 25.60 -6.38 -25.00
C LYS A 148 26.64 -5.52 -25.71
N LYS A 149 26.17 -4.59 -26.55
CA LYS A 149 27.05 -3.68 -27.27
C LYS A 149 27.79 -2.76 -26.30
N LEU A 150 27.02 -2.13 -25.41
CA LEU A 150 27.57 -1.19 -24.44
C LEU A 150 28.62 -1.85 -23.54
N ILE A 151 28.41 -3.12 -23.22
CA ILE A 151 29.33 -3.85 -22.38
C ILE A 151 30.61 -4.19 -23.14
N GLU A 152 30.44 -4.77 -24.34
CA GLU A 152 31.57 -5.18 -25.16
C GLU A 152 32.45 -4.02 -25.61
N ALA A 153 31.91 -2.81 -25.54
CA ALA A 153 32.69 -1.63 -25.90
C ALA A 153 33.27 -0.96 -24.65
N ASN A 154 32.82 -1.40 -23.48
CA ASN A 154 33.33 -0.88 -22.22
C ASN A 154 34.73 -1.44 -22.00
N PRO A 155 35.73 -0.55 -21.87
CA PRO A 155 37.13 -0.92 -21.62
C PRO A 155 37.33 -1.72 -20.32
N LEU A 156 36.57 -1.41 -19.27
CA LEU A 156 36.56 -2.16 -18.01
C LEU A 156 36.05 -3.60 -18.16
N PHE A 157 35.36 -3.87 -19.26
CA PHE A 157 34.88 -5.22 -19.49
C PHE A 157 35.73 -5.89 -20.56
N ARG A 158 36.30 -5.11 -21.49
CA ARG A 158 36.77 -5.65 -22.77
C ARG A 158 37.78 -6.81 -22.68
N GLU A 159 38.33 -7.05 -21.49
CA GLU A 159 39.33 -8.10 -21.27
C GLU A 159 38.81 -9.27 -20.44
N LYS A 160 37.53 -9.19 -20.06
CA LYS A 160 36.93 -10.09 -19.09
C LYS A 160 35.77 -10.93 -19.62
N LEU A 161 35.39 -10.73 -20.88
CA LEU A 161 34.16 -11.33 -21.38
C LEU A 161 34.33 -12.75 -21.89
N VAL A 162 35.58 -13.13 -22.19
CA VAL A 162 35.84 -14.45 -22.75
C VAL A 162 36.52 -15.37 -21.76
N PHE A 163 35.86 -16.50 -21.48
CA PHE A 163 36.39 -17.51 -20.57
C PHE A 163 37.50 -18.29 -21.26
N PRO A 164 38.75 -18.16 -20.76
CA PRO A 164 39.86 -18.92 -21.35
C PRO A 164 39.56 -20.41 -21.35
N THR A 165 39.58 -21.02 -22.52
CA THR A 165 39.25 -22.43 -22.70
C THR A 165 40.32 -23.34 -22.12
N LEU A 166 39.89 -24.33 -21.34
CA LEU A 166 40.84 -25.30 -20.80
C LEU A 166 40.19 -26.66 -20.57
N LYS A 167 41.03 -27.68 -20.44
CA LYS A 167 40.62 -29.08 -20.32
C LYS A 167 39.50 -29.27 -19.31
N ALA A 168 38.65 -30.27 -19.56
CA ALA A 168 37.58 -30.59 -18.64
C ALA A 168 38.13 -31.03 -17.29
N SER A 169 37.64 -30.39 -16.22
CA SER A 169 38.02 -30.72 -14.84
C SER A 169 39.52 -30.58 -14.58
N ARG A 170 40.10 -29.43 -14.92
CA ARG A 170 41.53 -29.20 -14.70
C ARG A 170 41.87 -29.21 -13.21
N LEU A 171 40.98 -28.66 -12.38
CA LEU A 171 41.22 -28.56 -10.94
C LEU A 171 41.24 -29.93 -10.26
N ARG A 172 40.40 -30.85 -10.74
CA ARG A 172 40.39 -32.21 -10.23
C ARG A 172 41.66 -32.95 -10.63
N THR A 173 42.18 -32.63 -11.81
CA THR A 173 43.38 -33.29 -12.34
C THR A 173 44.64 -32.77 -11.65
N LEU A 174 44.70 -31.46 -11.41
CA LEU A 174 45.84 -30.86 -10.72
C LEU A 174 45.88 -31.28 -9.25
N ILE A 175 44.70 -31.43 -8.65
CA ILE A 175 44.59 -31.96 -7.30
C ILE A 175 45.08 -33.40 -7.29
N ASN A 176 44.83 -34.12 -8.37
CA ASN A 176 45.30 -35.49 -8.52
C ASN A 176 46.82 -35.56 -8.66
N GLN A 177 47.40 -34.54 -9.28
CA GLN A 177 48.86 -34.45 -9.43
C GLN A 177 49.53 -34.18 -8.09
N SER A 178 48.79 -33.55 -7.18
CA SER A 178 49.27 -33.29 -5.83
C SER A 178 49.16 -34.55 -4.97
N ALA A 179 48.20 -35.41 -5.31
CA ALA A 179 47.99 -36.67 -4.61
C ALA A 179 48.99 -37.72 -5.09
N ASN A 180 49.37 -37.62 -6.36
CA ASN A 180 50.43 -38.46 -6.92
C ASN A 180 51.80 -38.04 -6.37
N TRP A 181 52.00 -36.74 -6.24
CA TRP A 181 53.25 -36.17 -5.77
C TRP A 181 53.50 -36.49 -4.30
N THR A 200 43.21 -34.22 1.91
CA THR A 200 44.14 -33.40 2.68
C THR A 200 45.55 -33.98 2.60
N ASP A 201 46.34 -33.88 3.67
CA ASP A 201 47.72 -34.36 3.68
C ASP A 201 48.15 -34.78 5.08
N SER B 2 -40.85 27.85 -8.91
CA SER B 2 -41.53 29.07 -8.49
C SER B 2 -40.69 29.86 -7.47
N SER B 3 -40.92 31.17 -7.39
CA SER B 3 -40.25 32.02 -6.41
C SER B 3 -40.83 31.80 -5.01
N LEU B 4 -42.07 31.30 -4.98
CA LEU B 4 -42.72 30.86 -3.75
C LEU B 4 -41.89 29.75 -3.11
N SER B 5 -41.63 28.71 -3.89
CA SER B 5 -40.87 27.56 -3.44
C SER B 5 -39.47 27.97 -2.95
N ARG B 6 -38.88 28.92 -3.66
CA ARG B 6 -37.53 29.40 -3.33
C ARG B 6 -37.45 30.05 -1.96
N GLU B 7 -38.41 30.90 -1.65
CA GLU B 7 -38.40 31.64 -0.39
C GLU B 7 -38.84 30.76 0.78
N LEU B 8 -39.54 29.69 0.46
CA LEU B 8 -39.95 28.70 1.46
C LEU B 8 -38.73 27.93 1.99
N VAL B 9 -37.75 27.73 1.11
CA VAL B 9 -36.51 27.06 1.47
C VAL B 9 -35.78 27.80 2.57
N PHE B 10 -35.61 29.10 2.37
CA PHE B 10 -34.97 29.96 3.36
C PHE B 10 -35.62 29.85 4.73
N LEU B 11 -36.95 29.87 4.76
CA LEU B 11 -37.70 29.67 5.99
C LEU B 11 -37.24 28.37 6.64
N ILE B 12 -37.30 27.30 5.86
CA ILE B 12 -36.87 25.98 6.29
C ILE B 12 -35.42 26.00 6.78
N LEU B 13 -34.54 26.63 6.01
CA LEU B 13 -33.13 26.76 6.36
C LEU B 13 -32.97 27.35 7.75
N GLN B 14 -33.52 28.54 7.93
CA GLN B 14 -33.53 29.19 9.22
C GLN B 14 -34.11 28.27 10.27
N PHE B 15 -35.18 27.58 9.91
CA PHE B 15 -35.78 26.60 10.81
C PHE B 15 -34.77 25.51 11.16
N LEU B 16 -34.05 25.04 10.15
CA LEU B 16 -33.14 23.93 10.35
C LEU B 16 -31.95 24.33 11.20
N ASP B 17 -31.44 25.55 10.98
CA ASP B 17 -30.29 26.03 11.72
C ASP B 17 -30.63 26.13 13.20
N GLU B 18 -31.80 26.68 13.49
CA GLU B 18 -32.24 26.88 14.86
C GLU B 18 -32.39 25.56 15.61
N GLU B 19 -32.74 24.49 14.89
CA GLU B 19 -32.94 23.19 15.53
C GLU B 19 -31.62 22.42 15.70
N LYS B 20 -30.51 23.06 15.33
CA LYS B 20 -29.17 22.47 15.42
C LYS B 20 -29.02 21.19 14.57
N PHE B 21 -29.58 21.23 13.37
CA PHE B 21 -29.41 20.15 12.40
C PHE B 21 -28.29 20.50 11.41
N LYS B 22 -27.05 20.45 11.89
CA LYS B 22 -25.91 21.02 11.17
C LYS B 22 -25.70 20.47 9.76
N GLU B 23 -25.69 19.15 9.61
CA GLU B 23 -25.48 18.54 8.31
C GLU B 23 -26.60 18.87 7.31
N THR B 24 -27.84 18.75 7.76
CA THR B 24 -28.99 18.92 6.87
C THR B 24 -29.01 20.31 6.26
N VAL B 25 -28.81 21.33 7.09
CA VAL B 25 -28.82 22.71 6.61
C VAL B 25 -27.99 22.85 5.34
N HIS B 26 -26.76 22.35 5.41
CA HIS B 26 -25.80 22.48 4.33
C HIS B 26 -26.10 21.57 3.13
N LYS B 27 -26.69 20.39 3.37
CA LYS B 27 -27.14 19.55 2.27
C LYS B 27 -28.22 20.30 1.53
N LEU B 28 -29.11 20.93 2.30
CA LEU B 28 -30.18 21.75 1.75
C LEU B 28 -29.60 22.94 0.98
N GLU B 29 -28.57 23.56 1.53
CA GLU B 29 -27.94 24.67 0.86
C GLU B 29 -27.38 24.19 -0.47
N GLN B 30 -26.58 23.13 -0.44
CA GLN B 30 -25.93 22.60 -1.63
C GLN B 30 -26.92 22.14 -2.70
N GLU B 31 -27.94 21.41 -2.28
CA GLU B 31 -28.87 20.80 -3.22
C GLU B 31 -29.80 21.85 -3.85
N SER B 32 -30.11 22.91 -3.10
CA SER B 32 -31.01 23.95 -3.59
C SER B 32 -30.24 25.06 -4.30
N GLY B 33 -28.99 25.26 -3.89
CA GLY B 33 -28.10 26.18 -4.56
C GLY B 33 -28.51 27.63 -4.40
N PHE B 34 -29.39 27.88 -3.44
CA PHE B 34 -29.94 29.21 -3.23
C PHE B 34 -29.04 30.08 -2.36
N PHE B 35 -28.46 29.48 -1.33
CA PHE B 35 -27.59 30.22 -0.41
C PHE B 35 -26.25 29.52 -0.16
N PHE B 36 -25.17 30.28 -0.35
CA PHE B 36 -23.82 29.79 -0.14
C PHE B 36 -23.29 30.21 1.22
N ASN B 37 -23.12 29.24 2.11
CA ASN B 37 -22.76 29.51 3.49
C ASN B 37 -21.27 29.78 3.64
N MET B 38 -20.88 31.04 3.53
CA MET B 38 -19.47 31.41 3.55
C MET B 38 -18.73 30.93 4.80
N LYS B 39 -19.39 30.96 5.96
CA LYS B 39 -18.71 30.54 7.18
C LYS B 39 -18.54 29.02 7.20
N TYR B 40 -19.52 28.30 6.67
CA TYR B 40 -19.39 26.86 6.57
C TYR B 40 -18.16 26.51 5.76
N PHE B 41 -18.15 26.96 4.52
CA PHE B 41 -16.99 26.88 3.63
C PHE B 41 -15.68 27.21 4.34
N GLU B 42 -15.67 28.33 5.05
CA GLU B 42 -14.43 28.79 5.68
C GLU B 42 -13.99 27.74 6.66
N GLU B 43 -14.96 27.20 7.39
CA GLU B 43 -14.69 26.16 8.37
C GLU B 43 -14.06 24.93 7.71
N LYS B 44 -14.68 24.44 6.64
CA LYS B 44 -14.21 23.23 5.97
C LYS B 44 -12.82 23.41 5.37
N VAL B 45 -12.57 24.54 4.73
CA VAL B 45 -11.27 24.78 4.09
C VAL B 45 -10.13 24.88 5.10
N HIS B 46 -10.43 25.40 6.29
CA HIS B 46 -9.45 25.42 7.37
C HIS B 46 -9.23 23.99 7.85
N ALA B 47 -10.30 23.23 7.94
CA ALA B 47 -10.25 21.90 8.53
C ALA B 47 -9.68 20.87 7.57
N GLY B 48 -9.49 21.24 6.31
CA GLY B 48 -8.88 20.36 5.34
C GLY B 48 -9.77 19.26 4.78
N GLU B 49 -11.09 19.41 4.95
CA GLU B 49 -12.06 18.45 4.41
C GLU B 49 -12.26 18.57 2.90
N TRP B 50 -11.23 18.24 2.12
CA TRP B 50 -11.22 18.58 0.70
C TRP B 50 -12.36 17.97 -0.13
N ASP B 51 -12.68 16.69 0.11
CA ASP B 51 -13.77 16.06 -0.63
C ASP B 51 -15.05 16.84 -0.40
N GLU B 52 -15.35 17.08 0.88
CA GLU B 52 -16.56 17.79 1.27
C GLU B 52 -16.61 19.22 0.73
N VAL B 53 -15.47 19.90 0.68
CA VAL B 53 -15.45 21.27 0.16
C VAL B 53 -15.87 21.29 -1.31
N GLU B 54 -15.35 20.34 -2.09
CA GLU B 54 -15.67 20.30 -3.51
C GLU B 54 -17.07 19.79 -3.80
N LYS B 55 -17.55 18.92 -2.91
CA LYS B 55 -18.91 18.43 -3.01
C LYS B 55 -19.85 19.63 -2.86
N TYR B 56 -19.70 20.36 -1.75
CA TYR B 56 -20.50 21.56 -1.48
C TYR B 56 -20.47 22.53 -2.66
N LEU B 57 -19.27 22.81 -3.16
CA LEU B 57 -19.09 23.75 -4.27
C LEU B 57 -19.85 23.33 -5.53
N SER B 58 -19.83 22.03 -5.82
CA SER B 58 -20.43 21.49 -7.03
C SER B 58 -21.93 21.79 -7.12
N GLY B 59 -22.53 22.12 -5.99
CA GLY B 59 -23.93 22.48 -5.96
C GLY B 59 -24.18 23.84 -6.58
N PHE B 60 -23.12 24.61 -6.74
CA PHE B 60 -23.23 26.01 -7.14
C PHE B 60 -22.53 26.32 -8.46
N THR B 61 -21.66 25.43 -8.91
CA THR B 61 -20.82 25.71 -10.06
C THR B 61 -19.99 24.49 -10.44
N LYS B 62 -19.80 24.29 -11.75
CA LYS B 62 -18.94 23.23 -12.24
C LYS B 62 -17.56 23.82 -12.52
N VAL B 63 -16.57 22.96 -12.77
CA VAL B 63 -15.20 23.42 -12.90
C VAL B 63 -15.03 24.44 -14.06
N ASP B 64 -15.78 24.23 -15.14
CA ASP B 64 -15.57 24.92 -16.40
C ASP B 64 -16.61 26.01 -16.66
N ASP B 65 -17.38 26.32 -15.61
CA ASP B 65 -18.50 27.25 -15.73
C ASP B 65 -18.02 28.63 -16.18
N ASN B 66 -16.87 29.06 -15.66
CA ASN B 66 -16.27 30.34 -16.03
C ASN B 66 -14.86 30.46 -15.50
N ARG B 67 -14.21 31.59 -15.75
CA ARG B 67 -12.81 31.80 -15.34
C ARG B 67 -12.62 31.67 -13.84
N TYR B 68 -13.52 32.27 -13.06
CA TYR B 68 -13.39 32.34 -11.61
C TYR B 68 -13.51 30.97 -10.96
N SER B 69 -14.61 30.28 -11.18
CA SER B 69 -14.79 28.96 -10.58
C SER B 69 -13.72 27.99 -11.08
N MET B 70 -13.14 28.30 -12.25
CA MET B 70 -12.10 27.46 -12.80
C MET B 70 -10.87 27.55 -11.92
N LYS B 71 -10.50 28.75 -11.49
CA LYS B 71 -9.32 28.90 -10.64
C LYS B 71 -9.59 28.39 -9.21
N ILE B 72 -10.82 28.60 -8.74
CA ILE B 72 -11.21 28.14 -7.41
C ILE B 72 -10.95 26.64 -7.20
N PHE B 73 -11.44 25.81 -8.13
CA PHE B 73 -11.17 24.37 -8.05
C PHE B 73 -9.68 24.12 -8.22
N PHE B 74 -9.03 24.92 -9.06
CA PHE B 74 -7.60 24.75 -9.24
C PHE B 74 -6.85 24.95 -7.91
N GLU B 75 -7.08 26.08 -7.25
CA GLU B 75 -6.39 26.40 -5.99
C GLU B 75 -6.56 25.30 -4.95
N ILE B 76 -7.80 24.91 -4.70
CA ILE B 76 -8.10 23.82 -3.78
C ILE B 76 -7.30 22.54 -4.08
N ARG B 77 -7.33 22.09 -5.33
CA ARG B 77 -6.62 20.88 -5.74
C ARG B 77 -5.10 21.05 -5.66
N LYS B 78 -4.63 22.27 -5.79
CA LYS B 78 -3.20 22.55 -5.74
C LYS B 78 -2.71 22.39 -4.31
N GLN B 79 -3.51 22.90 -3.37
CA GLN B 79 -3.17 22.78 -1.96
C GLN B 79 -3.24 21.33 -1.55
N LYS B 80 -4.35 20.69 -1.93
CA LYS B 80 -4.59 19.30 -1.62
C LYS B 80 -3.38 18.47 -2.02
N TYR B 81 -2.70 18.91 -3.07
CA TYR B 81 -1.52 18.24 -3.62
C TYR B 81 -0.28 18.50 -2.78
N LEU B 82 0.01 19.78 -2.55
CA LEU B 82 1.20 20.18 -1.80
C LEU B 82 1.17 19.65 -0.38
N GLU B 83 -0.03 19.51 0.16
CA GLU B 83 -0.19 18.93 1.48
C GLU B 83 0.23 17.46 1.43
N ALA B 84 -0.03 16.81 0.31
CA ALA B 84 0.33 15.41 0.16
C ALA B 84 1.85 15.28 0.08
N LEU B 85 2.48 16.27 -0.54
CA LEU B 85 3.93 16.25 -0.66
C LEU B 85 4.57 16.46 0.71
N ASP B 86 4.06 17.40 1.46
CA ASP B 86 4.57 17.69 2.80
C ASP B 86 4.62 16.45 3.69
N ARG B 87 3.54 15.68 3.73
CA ARG B 87 3.53 14.45 4.53
C ARG B 87 4.20 13.28 3.80
N HIS B 88 4.89 13.60 2.72
CA HIS B 88 5.76 12.66 2.02
C HIS B 88 5.00 11.47 1.44
N ASP B 89 3.69 11.63 1.27
CA ASP B 89 2.84 10.64 0.64
C ASP B 89 2.89 10.77 -0.89
N ARG B 90 3.98 10.34 -1.50
CA ARG B 90 4.15 10.56 -2.93
C ARG B 90 3.16 9.76 -3.77
N ALA B 91 2.57 8.71 -3.20
CA ALA B 91 1.54 8.00 -3.91
C ALA B 91 0.37 8.95 -4.13
N LYS B 92 -0.21 9.43 -3.03
CA LYS B 92 -1.37 10.31 -3.06
C LYS B 92 -1.07 11.60 -3.83
N ALA B 93 0.17 12.05 -3.73
CA ALA B 93 0.61 13.25 -4.44
C ALA B 93 0.39 13.07 -5.94
N VAL B 94 0.72 11.88 -6.44
CA VAL B 94 0.54 11.58 -7.85
C VAL B 94 -0.91 11.35 -8.20
N ASP B 95 -1.57 10.54 -7.39
CA ASP B 95 -2.97 10.24 -7.57
C ASP B 95 -3.77 11.53 -7.73
N ILE B 96 -3.42 12.55 -6.95
CA ILE B 96 -4.07 13.86 -7.06
C ILE B 96 -3.61 14.60 -8.32
N LEU B 97 -2.31 14.52 -8.57
CA LEU B 97 -1.72 15.08 -9.78
C LEU B 97 -2.40 14.61 -11.07
N VAL B 98 -2.85 13.36 -11.12
CA VAL B 98 -3.48 12.83 -12.34
C VAL B 98 -5.00 12.95 -12.35
N LYS B 99 -5.65 12.54 -11.26
CA LYS B 99 -7.12 12.58 -11.18
C LYS B 99 -7.69 13.99 -11.13
N ASP B 100 -7.08 14.82 -10.30
CA ASP B 100 -7.65 16.12 -9.98
C ASP B 100 -7.03 17.25 -10.80
N LEU B 101 -5.71 17.31 -10.86
CA LEU B 101 -5.01 18.45 -11.48
C LEU B 101 -4.92 18.37 -13.01
N LYS B 102 -4.91 17.16 -13.56
CA LYS B 102 -4.61 17.01 -14.99
C LYS B 102 -5.62 17.71 -15.92
N VAL B 103 -6.80 18.09 -15.39
CA VAL B 103 -7.82 18.74 -16.21
C VAL B 103 -7.48 20.19 -16.60
N PHE B 104 -6.49 20.77 -15.92
CA PHE B 104 -6.10 22.14 -16.19
C PHE B 104 -4.89 22.19 -17.11
N SER B 105 -4.27 21.05 -17.36
CA SER B 105 -3.01 21.03 -18.09
C SER B 105 -3.21 21.46 -19.53
N THR B 106 -4.40 21.21 -20.06
CA THR B 106 -4.72 21.65 -21.42
C THR B 106 -4.65 23.17 -21.49
N PHE B 107 -5.07 23.82 -20.41
CA PHE B 107 -5.08 25.28 -20.36
C PHE B 107 -3.66 25.83 -20.15
N ASN B 108 -2.89 25.20 -19.26
CA ASN B 108 -1.52 25.66 -18.97
C ASN B 108 -0.50 24.53 -18.92
N GLU B 109 0.01 24.14 -20.08
CA GLU B 109 0.88 22.97 -20.18
C GLU B 109 2.12 23.10 -19.29
N GLU B 110 2.87 24.18 -19.47
CA GLU B 110 4.14 24.37 -18.77
C GLU B 110 3.96 24.49 -17.28
N LEU B 111 2.89 25.15 -16.86
CA LEU B 111 2.63 25.24 -15.44
C LEU B 111 2.42 23.83 -14.89
N TYR B 112 1.76 22.97 -15.66
CA TYR B 112 1.48 21.62 -15.17
C TYR B 112 2.76 20.80 -15.05
N LYS B 113 3.61 20.81 -16.09
CA LYS B 113 4.92 20.16 -16.03
C LYS B 113 5.67 20.65 -14.81
N GLU B 114 5.61 21.96 -14.63
CA GLU B 114 6.30 22.63 -13.55
C GLU B 114 5.84 22.13 -12.17
N ILE B 115 4.58 21.72 -12.08
CA ILE B 115 4.01 21.24 -10.83
C ILE B 115 4.35 19.78 -10.61
N THR B 116 4.34 19.04 -11.72
CA THR B 116 4.77 17.66 -11.76
C THR B 116 6.17 17.51 -11.14
N GLN B 117 7.09 18.37 -11.57
CA GLN B 117 8.50 18.21 -11.21
C GLN B 117 8.74 18.51 -9.74
N LEU B 118 7.73 19.04 -9.07
CA LEU B 118 7.80 19.21 -7.61
C LEU B 118 7.86 17.87 -6.90
N LEU B 119 7.56 16.77 -7.60
CA LEU B 119 7.60 15.45 -6.98
C LEU B 119 9.03 15.01 -6.70
N THR B 120 9.96 15.39 -7.58
CA THR B 120 11.34 14.91 -7.49
C THR B 120 12.22 15.78 -6.59
N LEU B 121 11.61 16.71 -5.85
CA LEU B 121 12.34 17.58 -4.93
C LEU B 121 12.28 17.02 -3.50
N GLU B 122 13.30 17.35 -2.71
CA GLU B 122 13.41 16.94 -1.31
C GLU B 122 12.39 17.67 -0.44
N ASN B 123 12.03 18.88 -0.86
CA ASN B 123 11.09 19.73 -0.16
C ASN B 123 10.70 20.84 -1.13
N PHE B 124 9.44 20.89 -1.52
CA PHE B 124 9.03 21.69 -2.68
C PHE B 124 9.22 23.18 -2.51
N ARG B 125 9.65 23.58 -1.32
CA ARG B 125 9.96 24.97 -1.05
C ARG B 125 11.27 25.39 -1.74
N GLU B 126 11.93 24.42 -2.39
CA GLU B 126 13.11 24.69 -3.19
C GLU B 126 12.73 25.28 -4.54
N ASN B 127 11.44 25.28 -4.84
CA ASN B 127 10.91 26.06 -5.95
C ASN B 127 10.66 27.47 -5.45
N GLU B 128 11.29 28.45 -6.10
CA GLU B 128 11.33 29.82 -5.59
C GLU B 128 9.97 30.52 -5.54
N GLN B 129 9.00 29.99 -6.27
CA GLN B 129 7.65 30.55 -6.25
C GLN B 129 6.86 29.95 -5.10
N LEU B 130 7.34 28.83 -4.60
CA LEU B 130 6.72 28.16 -3.45
C LEU B 130 7.57 28.27 -2.19
N SER B 131 8.48 29.23 -2.16
CA SER B 131 9.44 29.34 -1.07
C SER B 131 8.86 30.04 0.17
N LYS B 132 7.60 30.45 0.06
CA LYS B 132 6.95 31.18 1.15
C LYS B 132 5.85 30.33 1.81
N TYR B 133 5.71 29.10 1.33
CA TYR B 133 4.79 28.15 1.93
C TYR B 133 5.27 27.82 3.35
N GLY B 134 4.46 28.14 4.34
CA GLY B 134 4.85 27.92 5.72
C GLY B 134 4.49 26.54 6.20
N ASP B 135 3.34 26.44 6.85
CA ASP B 135 2.80 25.15 7.25
C ASP B 135 1.38 25.04 6.74
N THR B 136 0.78 23.87 6.91
CA THR B 136 -0.58 23.65 6.46
C THR B 136 -1.50 24.79 6.91
N LYS B 137 -1.50 25.06 8.21
CA LYS B 137 -2.44 26.02 8.81
C LYS B 137 -2.39 27.42 8.18
N SER B 138 -1.19 27.94 7.98
CA SER B 138 -1.03 29.24 7.34
C SER B 138 -1.52 29.16 5.89
N ALA B 139 -0.92 28.22 5.16
CA ALA B 139 -1.19 28.06 3.73
C ALA B 139 -2.66 27.86 3.41
N ARG B 140 -3.38 27.19 4.31
CA ARG B 140 -4.80 27.05 4.13
C ARG B 140 -5.48 28.42 4.22
N SER B 141 -5.14 29.16 5.26
CA SER B 141 -5.77 30.45 5.51
C SER B 141 -5.39 31.53 4.48
N ILE B 142 -4.13 31.56 4.05
CA ILE B 142 -3.73 32.56 3.05
C ILE B 142 -4.31 32.21 1.64
N MET B 143 -4.70 30.95 1.46
CA MET B 143 -5.42 30.58 0.25
C MET B 143 -6.94 30.80 0.39
N LEU B 144 -7.45 30.63 1.60
CA LEU B 144 -8.87 30.88 1.86
C LEU B 144 -9.24 32.31 1.47
N ILE B 145 -8.34 33.25 1.73
CA ILE B 145 -8.59 34.65 1.41
C ILE B 145 -8.80 34.79 -0.08
N GLU B 146 -7.90 34.18 -0.84
CA GLU B 146 -8.00 34.12 -2.29
C GLU B 146 -9.37 33.58 -2.73
N LEU B 147 -9.76 32.42 -2.22
CA LEU B 147 -11.06 31.83 -2.55
C LEU B 147 -12.17 32.84 -2.29
N LYS B 148 -12.19 33.42 -1.10
CA LYS B 148 -13.19 34.41 -0.72
C LYS B 148 -13.32 35.55 -1.75
N LYS B 149 -12.21 36.08 -2.22
CA LYS B 149 -12.25 37.12 -3.25
C LYS B 149 -12.79 36.54 -4.56
N LEU B 150 -12.36 35.33 -4.88
CA LEU B 150 -12.77 34.69 -6.11
C LEU B 150 -14.28 34.42 -6.10
N ILE B 151 -14.80 33.87 -5.01
CA ILE B 151 -16.22 33.54 -4.96
C ILE B 151 -17.07 34.82 -5.02
N GLU B 152 -16.64 35.84 -4.31
CA GLU B 152 -17.43 37.06 -4.19
C GLU B 152 -17.43 37.83 -5.52
N ALA B 153 -16.50 37.51 -6.39
CA ALA B 153 -16.44 38.11 -7.72
C ALA B 153 -17.16 37.23 -8.75
N ASN B 154 -17.33 35.96 -8.44
CA ASN B 154 -17.98 35.01 -9.34
C ASN B 154 -19.47 35.33 -9.52
N PRO B 155 -19.90 35.50 -10.77
CA PRO B 155 -21.33 35.75 -11.09
C PRO B 155 -22.27 34.68 -10.56
N LEU B 156 -21.89 33.41 -10.67
CA LEU B 156 -22.76 32.32 -10.26
C LEU B 156 -22.99 32.28 -8.74
N PHE B 157 -22.33 33.18 -8.03
CA PHE B 157 -22.46 33.27 -6.57
C PHE B 157 -22.98 34.62 -6.10
N ARG B 158 -22.67 35.66 -6.88
CA ARG B 158 -22.83 37.05 -6.45
C ARG B 158 -24.20 37.40 -5.87
N GLU B 159 -25.24 36.66 -6.27
CA GLU B 159 -26.58 36.92 -5.76
C GLU B 159 -27.06 35.85 -4.75
N LYS B 160 -26.12 35.14 -4.13
CA LYS B 160 -26.47 34.05 -3.24
C LYS B 160 -25.63 34.02 -1.98
N LEU B 161 -24.95 35.12 -1.68
CA LEU B 161 -23.96 35.11 -0.61
C LEU B 161 -24.48 35.74 0.67
N VAL B 162 -25.62 36.43 0.59
CA VAL B 162 -26.22 37.07 1.75
C VAL B 162 -27.54 36.41 2.13
N PHE B 163 -27.61 35.97 3.39
CA PHE B 163 -28.84 35.41 3.93
C PHE B 163 -29.80 36.55 4.25
N PRO B 164 -30.96 36.56 3.57
CA PRO B 164 -32.00 37.55 3.85
C PRO B 164 -32.36 37.51 5.33
N THR B 165 -32.20 38.64 6.02
CA THR B 165 -32.48 38.73 7.44
C THR B 165 -33.98 38.78 7.73
N LEU B 166 -34.45 37.91 8.62
CA LEU B 166 -35.86 37.87 9.01
C LEU B 166 -36.06 37.41 10.45
N LYS B 167 -37.23 37.71 11.00
CA LYS B 167 -37.55 37.43 12.39
C LYS B 167 -37.41 35.94 12.71
N ALA B 168 -36.89 35.64 13.90
CA ALA B 168 -36.57 34.26 14.31
C ALA B 168 -37.79 33.34 14.28
N SER B 169 -37.55 32.09 13.89
CA SER B 169 -38.59 31.06 13.80
C SER B 169 -39.79 31.51 12.96
N ARG B 170 -39.50 32.16 11.84
CA ARG B 170 -40.53 32.63 10.92
C ARG B 170 -41.39 31.47 10.43
N LEU B 171 -40.83 30.26 10.43
CA LEU B 171 -41.55 29.09 9.98
C LEU B 171 -42.51 28.58 11.06
N ARG B 172 -42.15 28.75 12.32
CA ARG B 172 -43.03 28.34 13.41
C ARG B 172 -44.19 29.32 13.61
N THR B 173 -43.96 30.58 13.26
CA THR B 173 -45.01 31.59 13.33
C THR B 173 -46.09 31.36 12.27
N LEU B 174 -45.66 31.09 11.04
CA LEU B 174 -46.59 30.85 9.93
C LEU B 174 -47.36 29.53 10.12
N ILE B 175 -46.76 28.60 10.86
CA ILE B 175 -47.43 27.35 11.23
C ILE B 175 -48.50 27.64 12.26
N ASN B 176 -48.20 28.58 13.16
CA ASN B 176 -49.15 29.01 14.16
C ASN B 176 -50.36 29.73 13.54
N GLN B 177 -50.13 30.48 12.46
CA GLN B 177 -51.20 31.19 11.75
C GLN B 177 -52.17 30.22 11.09
N SER B 178 -51.72 28.98 10.90
CA SER B 178 -52.51 27.94 10.25
C SER B 178 -53.37 27.19 11.26
N ALA B 179 -52.83 26.97 12.46
CA ALA B 179 -53.57 26.32 13.54
C ALA B 179 -54.65 27.24 14.08
N ASN B 180 -54.38 28.54 14.01
CA ASN B 180 -55.37 29.57 14.35
C ASN B 180 -56.47 29.64 13.30
N SER C 2 -40.57 20.64 21.07
CA SER C 2 -42.02 20.52 21.13
C SER C 2 -42.54 19.50 20.13
N SER C 3 -43.76 19.00 20.35
CA SER C 3 -44.41 18.11 19.40
C SER C 3 -44.78 18.90 18.15
N LEU C 4 -44.98 20.21 18.33
CA LEU C 4 -45.21 21.14 17.21
C LEU C 4 -44.02 21.11 16.27
N SER C 5 -42.85 21.47 16.80
CA SER C 5 -41.61 21.47 16.02
C SER C 5 -41.42 20.12 15.35
N ARG C 6 -41.68 19.06 16.13
CA ARG C 6 -41.56 17.69 15.66
C ARG C 6 -42.40 17.40 14.41
N GLU C 7 -43.63 17.89 14.39
CA GLU C 7 -44.54 17.62 13.28
C GLU C 7 -44.29 18.55 12.10
N LEU C 8 -43.57 19.64 12.35
CA LEU C 8 -43.20 20.56 11.28
C LEU C 8 -42.10 19.92 10.42
N VAL C 9 -41.30 19.09 11.08
CA VAL C 9 -40.24 18.32 10.43
C VAL C 9 -40.80 17.45 9.32
N PHE C 10 -41.96 16.86 9.59
CA PHE C 10 -42.60 15.97 8.63
C PHE C 10 -43.05 16.72 7.38
N LEU C 11 -43.57 17.92 7.57
CA LEU C 11 -44.02 18.74 6.45
C LEU C 11 -42.84 19.08 5.56
N ILE C 12 -41.75 19.49 6.19
CA ILE C 12 -40.52 19.81 5.48
C ILE C 12 -40.02 18.58 4.74
N LEU C 13 -40.05 17.43 5.41
CA LEU C 13 -39.67 16.17 4.79
C LEU C 13 -40.47 15.92 3.51
N GLN C 14 -41.78 16.08 3.58
CA GLN C 14 -42.63 15.90 2.41
C GLN C 14 -42.21 16.83 1.28
N PHE C 15 -42.08 18.11 1.62
CA PHE C 15 -41.69 19.14 0.68
C PHE C 15 -40.34 18.83 0.03
N LEU C 16 -39.35 18.56 0.88
CA LEU C 16 -38.01 18.21 0.42
C LEU C 16 -38.05 17.03 -0.55
N ASP C 17 -38.91 16.06 -0.24
CA ASP C 17 -39.03 14.87 -1.07
C ASP C 17 -39.64 15.23 -2.42
N GLU C 18 -40.68 16.06 -2.39
CA GLU C 18 -41.34 16.49 -3.61
C GLU C 18 -40.46 17.39 -4.48
N GLU C 19 -39.44 17.99 -3.87
CA GLU C 19 -38.50 18.83 -4.60
C GLU C 19 -37.31 18.02 -5.09
N LYS C 20 -37.39 16.70 -4.99
CA LYS C 20 -36.34 15.79 -5.45
C LYS C 20 -34.97 16.12 -4.83
N PHE C 21 -35.00 16.61 -3.60
CA PHE C 21 -33.81 16.80 -2.79
C PHE C 21 -33.49 15.54 -2.00
N LYS C 22 -33.12 14.48 -2.69
CA LYS C 22 -33.01 13.16 -2.06
C LYS C 22 -32.03 13.08 -0.88
N GLU C 23 -30.85 13.68 -1.03
CA GLU C 23 -29.84 13.63 0.03
C GLU C 23 -30.23 14.43 1.27
N THR C 24 -30.81 15.61 1.07
CA THR C 24 -31.23 16.44 2.20
C THR C 24 -32.29 15.74 3.04
N VAL C 25 -33.27 15.15 2.35
CA VAL C 25 -34.33 14.38 3.01
C VAL C 25 -33.75 13.41 4.05
N HIS C 26 -32.76 12.65 3.63
CA HIS C 26 -32.22 11.59 4.46
C HIS C 26 -31.37 12.13 5.62
N LYS C 27 -30.75 13.29 5.43
CA LYS C 27 -29.95 13.88 6.51
C LYS C 27 -30.87 14.34 7.63
N LEU C 28 -32.04 14.84 7.24
CA LEU C 28 -33.04 15.28 8.21
C LEU C 28 -33.59 14.11 9.01
N GLU C 29 -34.14 13.12 8.30
CA GLU C 29 -34.58 11.86 8.90
C GLU C 29 -33.59 11.38 9.94
N GLN C 30 -32.30 11.45 9.58
CA GLN C 30 -31.21 11.00 10.44
C GLN C 30 -31.02 11.87 11.68
N GLU C 31 -30.74 13.16 11.47
CA GLU C 31 -30.43 14.08 12.56
C GLU C 31 -31.60 14.31 13.50
N SER C 32 -32.80 14.39 12.93
CA SER C 32 -34.00 14.61 13.76
C SER C 32 -34.39 13.35 14.50
N GLY C 33 -34.21 12.21 13.85
CA GLY C 33 -34.54 10.93 14.45
C GLY C 33 -36.03 10.75 14.68
N PHE C 34 -36.84 11.29 13.77
CA PHE C 34 -38.29 11.21 13.92
C PHE C 34 -38.87 10.15 12.99
N PHE C 35 -38.22 9.93 11.85
CA PHE C 35 -38.70 8.96 10.88
C PHE C 35 -37.56 8.15 10.24
N PHE C 36 -37.72 6.84 10.25
CA PHE C 36 -36.73 5.94 9.68
C PHE C 36 -37.17 5.41 8.32
N ASN C 37 -36.53 5.89 7.27
CA ASN C 37 -36.89 5.51 5.91
C ASN C 37 -36.43 4.10 5.55
N MET C 38 -37.35 3.15 5.66
CA MET C 38 -37.05 1.74 5.40
C MET C 38 -36.61 1.47 3.96
N LYS C 39 -37.29 2.07 2.99
CA LYS C 39 -36.94 1.88 1.58
C LYS C 39 -35.51 2.33 1.29
N TYR C 40 -35.08 3.37 1.97
CA TYR C 40 -33.75 3.95 1.79
C TYR C 40 -32.69 3.07 2.40
N PHE C 41 -33.01 2.51 3.57
CA PHE C 41 -32.13 1.61 4.28
C PHE C 41 -31.83 0.36 3.43
N GLU C 42 -32.88 -0.27 2.92
CA GLU C 42 -32.74 -1.43 2.05
C GLU C 42 -31.86 -1.13 0.85
N GLU C 43 -32.07 0.05 0.29
CA GLU C 43 -31.35 0.51 -0.89
C GLU C 43 -29.83 0.57 -0.65
N LYS C 44 -29.44 1.20 0.45
CA LYS C 44 -28.02 1.37 0.79
C LYS C 44 -27.37 0.09 1.29
N VAL C 45 -28.16 -0.80 1.87
CA VAL C 45 -27.64 -2.10 2.29
C VAL C 45 -27.33 -2.94 1.05
N HIS C 46 -28.21 -2.87 0.05
CA HIS C 46 -28.00 -3.63 -1.18
C HIS C 46 -26.76 -3.12 -1.90
N ALA C 47 -26.58 -1.81 -1.85
CA ALA C 47 -25.45 -1.13 -2.49
C ALA C 47 -24.18 -1.32 -1.68
N GLY C 48 -24.34 -1.70 -0.42
CA GLY C 48 -23.20 -2.03 0.43
C GLY C 48 -22.49 -0.85 1.07
N GLU C 49 -23.12 0.32 1.05
CA GLU C 49 -22.50 1.51 1.62
C GLU C 49 -22.54 1.47 3.15
N TRP C 50 -21.65 0.65 3.73
CA TRP C 50 -21.67 0.38 5.17
C TRP C 50 -21.30 1.59 6.00
N ASP C 51 -20.60 2.53 5.40
CA ASP C 51 -20.29 3.77 6.10
C ASP C 51 -21.54 4.61 6.22
N GLU C 52 -22.34 4.64 5.15
CA GLU C 52 -23.57 5.43 5.15
C GLU C 52 -24.65 4.71 5.98
N VAL C 53 -24.68 3.39 5.90
CA VAL C 53 -25.67 2.63 6.64
C VAL C 53 -25.48 2.82 8.16
N GLU C 54 -24.25 2.67 8.63
CA GLU C 54 -23.95 2.85 10.06
C GLU C 54 -24.11 4.30 10.51
N LYS C 55 -24.00 5.24 9.57
CA LYS C 55 -24.16 6.65 9.89
C LYS C 55 -25.64 6.98 10.02
N TYR C 56 -26.45 6.32 9.21
CA TYR C 56 -27.89 6.56 9.20
C TYR C 56 -28.51 6.03 10.50
N LEU C 57 -28.06 4.85 10.92
CA LEU C 57 -28.53 4.24 12.17
C LEU C 57 -28.14 5.06 13.38
N SER C 58 -26.96 5.66 13.34
CA SER C 58 -26.42 6.41 14.47
C SER C 58 -27.25 7.65 14.81
N GLY C 59 -28.22 7.96 13.95
CA GLY C 59 -29.13 9.06 14.21
C GLY C 59 -30.29 8.62 15.08
N PHE C 60 -30.47 7.32 15.18
CA PHE C 60 -31.59 6.73 15.91
C PHE C 60 -31.14 5.90 17.12
N THR C 61 -29.89 5.46 17.10
CA THR C 61 -29.40 4.56 18.14
C THR C 61 -27.88 4.41 18.15
N LYS C 62 -27.34 4.06 19.31
CA LYS C 62 -25.94 3.72 19.47
C LYS C 62 -25.80 2.20 19.50
N VAL C 63 -24.57 1.71 19.39
CA VAL C 63 -24.34 0.28 19.24
C VAL C 63 -24.75 -0.52 20.48
N ASP C 64 -24.67 0.10 21.66
CA ASP C 64 -24.96 -0.61 22.90
C ASP C 64 -26.20 -0.07 23.62
N ASP C 65 -27.23 0.29 22.85
CA ASP C 65 -28.46 0.82 23.43
C ASP C 65 -29.39 -0.30 23.94
N ASN C 66 -29.49 -1.39 23.19
CA ASN C 66 -30.19 -2.59 23.66
C ASN C 66 -29.78 -3.82 22.84
N ARG C 67 -30.54 -4.90 22.96
CA ARG C 67 -30.18 -6.16 22.31
C ARG C 67 -30.34 -6.09 20.81
N TYR C 68 -31.43 -5.48 20.37
CA TYR C 68 -31.79 -5.44 18.96
C TYR C 68 -30.76 -4.66 18.15
N SER C 69 -30.52 -3.42 18.55
CA SER C 69 -29.55 -2.55 17.87
C SER C 69 -28.12 -3.10 17.96
N MET C 70 -27.77 -3.68 19.10
CA MET C 70 -26.47 -4.31 19.28
C MET C 70 -26.23 -5.36 18.19
N LYS C 71 -27.24 -6.18 17.94
CA LYS C 71 -27.10 -7.27 16.98
C LYS C 71 -27.16 -6.74 15.55
N ILE C 72 -27.87 -5.64 15.36
CA ILE C 72 -27.97 -5.00 14.05
C ILE C 72 -26.59 -4.53 13.59
N PHE C 73 -25.88 -3.84 14.48
CA PHE C 73 -24.54 -3.39 14.20
C PHE C 73 -23.59 -4.56 14.03
N PHE C 74 -23.79 -5.60 14.83
CA PHE C 74 -22.96 -6.79 14.75
C PHE C 74 -23.10 -7.51 13.41
N GLU C 75 -24.32 -7.65 12.94
CA GLU C 75 -24.58 -8.32 11.66
C GLU C 75 -23.96 -7.55 10.49
N ILE C 76 -24.15 -6.24 10.51
CA ILE C 76 -23.57 -5.35 9.50
C ILE C 76 -22.06 -5.52 9.42
N ARG C 77 -21.39 -5.34 10.55
CA ARG C 77 -19.93 -5.35 10.60
C ARG C 77 -19.37 -6.72 10.26
N LYS C 78 -20.12 -7.76 10.59
CA LYS C 78 -19.74 -9.13 10.23
C LYS C 78 -19.73 -9.31 8.72
N GLN C 79 -20.80 -8.87 8.07
CA GLN C 79 -20.88 -8.95 6.63
C GLN C 79 -19.77 -8.12 5.95
N LYS C 80 -19.50 -6.94 6.50
CA LYS C 80 -18.42 -6.09 6.00
C LYS C 80 -17.09 -6.84 6.09
N TYR C 81 -16.95 -7.62 7.15
CA TYR C 81 -15.75 -8.39 7.40
C TYR C 81 -15.66 -9.58 6.43
N LEU C 82 -16.79 -10.23 6.17
CA LEU C 82 -16.81 -11.38 5.28
C LEU C 82 -16.57 -11.02 3.83
N GLU C 83 -17.11 -9.90 3.39
CA GLU C 83 -16.90 -9.49 2.02
C GLU C 83 -15.41 -9.23 1.80
N ALA C 84 -14.77 -8.62 2.79
CA ALA C 84 -13.33 -8.35 2.73
C ALA C 84 -12.53 -9.64 2.53
N LEU C 85 -13.00 -10.71 3.15
CA LEU C 85 -12.40 -12.02 2.95
C LEU C 85 -12.66 -12.57 1.55
N ASP C 86 -13.72 -12.08 0.91
CA ASP C 86 -14.10 -12.62 -0.39
C ASP C 86 -13.25 -12.04 -1.53
N ARG C 87 -12.94 -10.74 -1.48
CA ARG C 87 -12.04 -10.15 -2.46
C ARG C 87 -10.58 -10.38 -2.07
N HIS C 88 -10.40 -11.17 -1.00
CA HIS C 88 -9.08 -11.54 -0.49
C HIS C 88 -8.26 -10.33 -0.04
N ASP C 89 -8.95 -9.29 0.43
CA ASP C 89 -8.31 -8.15 1.06
C ASP C 89 -8.23 -8.41 2.56
N ARG C 90 -7.36 -9.33 2.93
CA ARG C 90 -7.17 -9.69 4.33
C ARG C 90 -6.69 -8.50 5.15
N ALA C 91 -5.98 -7.58 4.51
CA ALA C 91 -5.54 -6.35 5.17
C ALA C 91 -6.73 -5.65 5.81
N LYS C 92 -7.73 -5.34 5.00
CA LYS C 92 -8.96 -4.70 5.45
C LYS C 92 -9.77 -5.59 6.41
N ALA C 93 -9.75 -6.89 6.16
CA ALA C 93 -10.47 -7.85 7.00
C ALA C 93 -10.05 -7.74 8.44
N VAL C 94 -8.74 -7.72 8.66
CA VAL C 94 -8.20 -7.64 10.01
C VAL C 94 -8.46 -6.26 10.60
N ASP C 95 -8.33 -5.24 9.76
CA ASP C 95 -8.65 -3.89 10.17
C ASP C 95 -10.07 -3.86 10.71
N ILE C 96 -11.00 -4.45 9.94
CA ILE C 96 -12.40 -4.51 10.37
C ILE C 96 -12.55 -5.28 11.68
N LEU C 97 -11.99 -6.49 11.70
CA LEU C 97 -11.98 -7.36 12.87
C LEU C 97 -11.58 -6.66 14.19
N VAL C 98 -10.61 -5.75 14.10
CA VAL C 98 -10.07 -5.07 15.27
C VAL C 98 -10.73 -3.71 15.58
N LYS C 99 -11.13 -2.99 14.55
CA LYS C 99 -11.76 -1.68 14.76
C LYS C 99 -13.25 -1.80 15.01
N ASP C 100 -13.89 -2.69 14.25
CA ASP C 100 -15.35 -2.76 14.24
C ASP C 100 -15.90 -3.91 15.08
N LEU C 101 -15.34 -5.09 14.92
CA LEU C 101 -15.88 -6.30 15.55
C LEU C 101 -15.31 -6.57 16.94
N LYS C 102 -14.26 -5.85 17.33
CA LYS C 102 -13.62 -6.13 18.60
C LYS C 102 -14.43 -5.59 19.79
N VAL C 103 -15.49 -4.84 19.50
CA VAL C 103 -16.35 -4.31 20.55
C VAL C 103 -17.32 -5.38 21.06
N PHE C 104 -17.49 -6.45 20.28
CA PHE C 104 -18.43 -7.52 20.60
C PHE C 104 -17.75 -8.74 21.25
N SER C 105 -16.48 -8.60 21.59
CA SER C 105 -15.71 -9.70 22.17
C SER C 105 -16.03 -9.88 23.64
N THR C 106 -16.11 -8.77 24.37
CA THR C 106 -16.46 -8.81 25.79
C THR C 106 -17.77 -9.55 26.04
N PHE C 107 -18.78 -9.19 25.26
CA PHE C 107 -20.01 -9.94 25.25
C PHE C 107 -19.93 -11.41 24.76
N ASN C 108 -19.17 -11.69 23.71
CA ASN C 108 -19.00 -13.04 23.12
C ASN C 108 -17.50 -13.39 23.02
N GLU C 109 -16.88 -13.82 24.11
CA GLU C 109 -15.43 -14.10 24.11
C GLU C 109 -14.96 -15.18 23.11
N GLU C 110 -15.76 -16.23 22.95
CA GLU C 110 -15.33 -17.37 22.13
C GLU C 110 -15.78 -17.25 20.67
N LEU C 111 -16.84 -16.47 20.44
CA LEU C 111 -17.30 -16.26 19.08
C LEU C 111 -16.26 -15.43 18.34
N TYR C 112 -15.60 -14.55 19.09
CA TYR C 112 -14.60 -13.67 18.52
C TYR C 112 -13.38 -14.47 18.05
N LYS C 113 -13.04 -15.52 18.78
CA LYS C 113 -11.92 -16.38 18.44
C LYS C 113 -12.23 -17.18 17.17
N GLU C 114 -13.50 -17.55 17.04
CA GLU C 114 -13.95 -18.34 15.90
C GLU C 114 -13.96 -17.50 14.63
N ILE C 115 -14.49 -16.29 14.75
CA ILE C 115 -14.51 -15.33 13.65
C ILE C 115 -13.09 -15.01 13.21
N THR C 116 -12.23 -14.70 14.18
CA THR C 116 -10.84 -14.40 13.91
C THR C 116 -10.19 -15.48 13.05
N GLN C 117 -10.45 -16.75 13.38
CA GLN C 117 -9.82 -17.88 12.71
C GLN C 117 -10.28 -18.07 11.26
N LEU C 118 -11.24 -17.27 10.81
CA LEU C 118 -11.71 -17.34 9.43
C LEU C 118 -10.73 -16.71 8.46
N LEU C 119 -9.78 -15.95 8.97
CA LEU C 119 -8.75 -15.34 8.13
C LEU C 119 -7.80 -16.39 7.57
N THR C 120 -7.46 -17.39 8.37
CA THR C 120 -6.51 -18.44 7.99
C THR C 120 -7.09 -19.42 6.98
N LEU C 121 -8.41 -19.36 6.76
CA LEU C 121 -9.08 -20.27 5.85
C LEU C 121 -8.95 -19.84 4.39
N GLU C 122 -8.91 -20.82 3.49
CA GLU C 122 -8.79 -20.55 2.06
C GLU C 122 -10.08 -19.94 1.51
N ASN C 123 -11.18 -20.26 2.17
CA ASN C 123 -12.51 -19.75 1.84
C ASN C 123 -13.41 -19.96 3.05
N PHE C 124 -13.94 -18.89 3.64
CA PHE C 124 -14.59 -18.97 4.95
C PHE C 124 -15.83 -19.87 4.97
N ARG C 125 -16.26 -20.32 3.80
CA ARG C 125 -17.36 -21.26 3.66
C ARG C 125 -16.96 -22.67 4.12
N GLU C 126 -15.68 -22.84 4.45
CA GLU C 126 -15.20 -24.10 5.02
C GLU C 126 -15.74 -24.25 6.44
N ASN C 127 -16.15 -23.13 7.04
CA ASN C 127 -16.92 -23.20 8.27
C ASN C 127 -18.34 -23.57 7.91
N GLU C 128 -18.90 -24.55 8.62
CA GLU C 128 -20.20 -25.10 8.28
C GLU C 128 -21.33 -24.07 8.41
N GLN C 129 -21.23 -23.20 9.40
CA GLN C 129 -22.26 -22.19 9.64
C GLN C 129 -22.28 -21.13 8.54
N LEU C 130 -21.15 -20.96 7.86
CA LEU C 130 -21.04 -20.01 6.78
C LEU C 130 -20.93 -20.70 5.41
N SER C 131 -21.36 -21.95 5.35
CA SER C 131 -21.28 -22.72 4.11
C SER C 131 -22.41 -22.35 3.14
N LYS C 132 -23.33 -21.50 3.60
CA LYS C 132 -24.49 -21.13 2.81
C LYS C 132 -24.32 -19.77 2.10
N TYR C 133 -23.25 -19.06 2.43
CA TYR C 133 -22.94 -17.75 1.85
C TYR C 133 -22.73 -17.85 0.33
N GLY C 134 -23.75 -17.47 -0.45
CA GLY C 134 -23.75 -17.63 -1.89
C GLY C 134 -23.01 -16.71 -2.85
N ASP C 135 -23.36 -15.43 -2.82
CA ASP C 135 -22.55 -14.43 -3.51
C ASP C 135 -22.82 -13.20 -2.66
N THR C 136 -22.31 -12.06 -3.09
CA THR C 136 -22.48 -10.85 -2.30
C THR C 136 -23.95 -10.47 -2.31
N LYS C 137 -24.55 -10.46 -3.50
CA LYS C 137 -25.92 -10.01 -3.66
C LYS C 137 -26.90 -10.80 -2.82
N SER C 138 -26.73 -12.12 -2.76
CA SER C 138 -27.67 -12.98 -2.06
C SER C 138 -27.56 -12.86 -0.54
N ALA C 139 -26.34 -12.71 -0.05
CA ALA C 139 -26.11 -12.66 1.39
C ALA C 139 -26.46 -11.31 1.98
N ARG C 140 -26.26 -10.24 1.20
CA ARG C 140 -26.73 -8.93 1.58
C ARG C 140 -28.23 -8.96 1.73
N SER C 141 -28.91 -9.42 0.66
CA SER C 141 -30.36 -9.51 0.62
C SER C 141 -30.91 -10.32 1.79
N ILE C 142 -30.34 -11.50 2.01
CA ILE C 142 -30.83 -12.41 3.03
C ILE C 142 -30.60 -11.85 4.44
N MET C 143 -29.57 -11.02 4.59
CA MET C 143 -29.29 -10.41 5.89
C MET C 143 -30.17 -9.18 6.09
N LEU C 144 -30.51 -8.51 4.99
CA LEU C 144 -31.44 -7.37 5.04
C LEU C 144 -32.73 -7.80 5.68
N ILE C 145 -33.23 -8.95 5.24
CA ILE C 145 -34.42 -9.58 5.81
C ILE C 145 -34.35 -9.62 7.33
N GLU C 146 -33.22 -10.11 7.83
CA GLU C 146 -33.01 -10.22 9.26
C GLU C 146 -33.00 -8.84 9.93
N LEU C 147 -32.34 -7.88 9.29
CA LEU C 147 -32.26 -6.53 9.83
C LEU C 147 -33.64 -5.90 9.94
N LYS C 148 -34.48 -6.14 8.94
CA LYS C 148 -35.85 -5.63 8.95
C LYS C 148 -36.59 -6.13 10.20
N LYS C 149 -36.41 -7.40 10.52
CA LYS C 149 -37.05 -8.00 11.70
C LYS C 149 -36.54 -7.35 12.99
N LEU C 150 -35.23 -7.14 13.04
CA LEU C 150 -34.60 -6.53 14.22
C LEU C 150 -34.97 -5.07 14.39
N ILE C 151 -35.16 -4.36 13.27
CA ILE C 151 -35.53 -2.95 13.32
C ILE C 151 -36.99 -2.77 13.74
N GLU C 152 -37.86 -3.62 13.19
CA GLU C 152 -39.29 -3.51 13.46
C GLU C 152 -39.62 -3.92 14.89
N ALA C 153 -38.78 -4.77 15.46
CA ALA C 153 -38.96 -5.27 16.83
C ALA C 153 -38.30 -4.35 17.86
N ASN C 154 -37.28 -3.61 17.44
CA ASN C 154 -36.57 -2.69 18.32
C ASN C 154 -37.51 -1.61 18.85
N PRO C 155 -37.51 -1.40 20.18
CA PRO C 155 -38.37 -0.39 20.83
C PRO C 155 -38.07 1.06 20.41
N LEU C 156 -36.83 1.35 20.01
CA LEU C 156 -36.44 2.71 19.63
C LEU C 156 -36.91 3.10 18.22
N PHE C 157 -37.42 2.12 17.47
CA PHE C 157 -37.84 2.35 16.09
C PHE C 157 -39.33 2.13 15.86
N ARG C 158 -39.92 1.23 16.66
CA ARG C 158 -41.28 0.74 16.45
C ARG C 158 -42.33 1.85 16.24
N GLU C 159 -42.05 3.04 16.74
CA GLU C 159 -42.97 4.17 16.60
C GLU C 159 -42.52 5.17 15.53
N LYS C 160 -41.47 4.82 14.79
CA LYS C 160 -40.89 5.73 13.80
C LYS C 160 -40.78 5.10 12.41
N LEU C 161 -41.62 4.11 12.12
CA LEU C 161 -41.47 3.34 10.88
C LEU C 161 -42.47 3.71 9.79
N VAL C 162 -43.60 4.28 10.17
CA VAL C 162 -44.66 4.60 9.21
C VAL C 162 -44.81 6.10 9.02
N PHE C 163 -44.65 6.56 7.79
CA PHE C 163 -44.84 7.97 7.49
C PHE C 163 -46.32 8.30 7.58
N PRO C 164 -46.67 9.25 8.46
CA PRO C 164 -48.05 9.75 8.54
C PRO C 164 -48.52 10.30 7.20
N THR C 165 -49.59 9.74 6.67
CA THR C 165 -50.10 10.18 5.38
C THR C 165 -50.78 11.54 5.52
N LEU C 166 -50.53 12.43 4.57
CA LEU C 166 -51.16 13.74 4.54
C LEU C 166 -51.24 14.28 3.12
N LYS C 167 -52.06 15.32 2.94
CA LYS C 167 -52.30 15.93 1.62
C LYS C 167 -51.01 16.47 1.02
N ALA C 168 -50.88 16.32 -0.30
CA ALA C 168 -49.64 16.67 -1.01
C ALA C 168 -49.34 18.17 -0.96
N SER C 169 -48.06 18.48 -0.77
CA SER C 169 -47.59 19.86 -0.61
C SER C 169 -48.38 20.55 0.50
N ARG C 170 -48.41 19.91 1.66
CA ARG C 170 -49.14 20.46 2.80
C ARG C 170 -48.47 21.73 3.26
N LEU C 171 -47.15 21.77 3.18
CA LEU C 171 -46.39 22.94 3.61
C LEU C 171 -46.60 24.13 2.66
N ARG C 172 -46.67 23.86 1.36
CA ARG C 172 -46.94 24.90 0.37
C ARG C 172 -48.33 25.49 0.54
N THR C 173 -49.24 24.70 1.11
CA THR C 173 -50.61 25.13 1.34
C THR C 173 -50.71 26.07 2.55
N LEU C 174 -50.02 25.72 3.63
CA LEU C 174 -50.03 26.54 4.85
C LEU C 174 -49.35 27.88 4.65
N ILE C 175 -48.32 27.90 3.81
CA ILE C 175 -47.63 29.12 3.42
C ILE C 175 -48.57 30.07 2.69
N ASN C 176 -49.41 29.50 1.83
CA ASN C 176 -50.39 30.28 1.08
C ASN C 176 -51.48 30.85 1.98
N GLN C 177 -51.79 30.13 3.06
CA GLN C 177 -52.77 30.60 4.06
C GLN C 177 -52.20 31.74 4.88
N SER C 178 -50.88 31.79 4.97
CA SER C 178 -50.18 32.85 5.68
C SER C 178 -50.05 34.07 4.78
N ALA C 179 -49.95 33.82 3.48
CA ALA C 179 -49.90 34.88 2.48
C ALA C 179 -51.31 35.45 2.24
N ASN C 180 -52.33 34.59 2.37
CA ASN C 180 -53.71 35.04 2.36
C ASN C 180 -54.04 35.84 3.61
N TRP C 181 -53.38 35.48 4.71
CA TRP C 181 -53.58 36.13 5.99
C TRP C 181 -52.93 37.52 6.03
N GLN C 182 -51.78 37.64 5.38
CA GLN C 182 -51.08 38.92 5.27
C GLN C 182 -51.92 39.92 4.49
N THR C 197 -42.81 39.27 -0.80
CA THR C 197 -41.97 38.16 -0.35
C THR C 197 -42.62 37.41 0.81
N LEU C 198 -42.07 36.23 1.13
CA LEU C 198 -42.54 35.43 2.27
C LEU C 198 -41.72 35.77 3.51
N PHE C 199 -40.52 36.29 3.29
CA PHE C 199 -39.57 36.62 4.35
C PHE C 199 -40.16 37.64 5.32
N THR C 200 -40.80 38.66 4.76
CA THR C 200 -41.50 39.67 5.55
C THR C 200 -42.90 39.89 4.98
N ASP C 201 -43.88 40.14 5.85
CA ASP C 201 -45.27 40.25 5.45
C ASP C 201 -45.50 41.28 4.35
N SER D 2 32.06 -37.63 -4.96
CA SER D 2 33.19 -38.29 -4.33
C SER D 2 33.67 -37.54 -3.09
N SER D 3 34.42 -38.22 -2.24
CA SER D 3 35.00 -37.60 -1.07
C SER D 3 36.12 -36.66 -1.51
N LEU D 4 36.71 -36.97 -2.66
CA LEU D 4 37.70 -36.11 -3.30
C LEU D 4 37.13 -34.73 -3.56
N SER D 5 36.09 -34.69 -4.39
CA SER D 5 35.38 -33.46 -4.72
C SER D 5 34.95 -32.75 -3.45
N ARG D 6 34.46 -33.52 -2.50
CA ARG D 6 34.01 -33.00 -1.21
C ARG D 6 35.09 -32.19 -0.51
N GLU D 7 36.24 -32.81 -0.30
CA GLU D 7 37.35 -32.15 0.38
C GLU D 7 37.89 -30.99 -0.44
N LEU D 8 37.76 -31.09 -1.76
CA LEU D 8 38.22 -30.04 -2.65
C LEU D 8 37.45 -28.75 -2.37
N VAL D 9 36.17 -28.91 -2.03
CA VAL D 9 35.29 -27.79 -1.68
C VAL D 9 35.81 -27.00 -0.48
N PHE D 10 36.28 -27.73 0.53
CA PHE D 10 36.81 -27.12 1.73
C PHE D 10 38.03 -26.25 1.42
N LEU D 11 38.93 -26.79 0.60
CA LEU D 11 40.13 -26.06 0.18
C LEU D 11 39.71 -24.74 -0.44
N ILE D 12 38.72 -24.85 -1.30
CA ILE D 12 38.11 -23.69 -1.94
C ILE D 12 37.50 -22.78 -0.89
N LEU D 13 36.70 -23.36 0.00
CA LEU D 13 36.10 -22.61 1.10
C LEU D 13 37.14 -21.83 1.88
N GLN D 14 38.31 -22.46 2.08
CA GLN D 14 39.41 -21.81 2.77
C GLN D 14 40.02 -20.69 1.92
N PHE D 15 40.24 -20.98 0.63
CA PHE D 15 40.76 -19.99 -0.30
C PHE D 15 39.85 -18.76 -0.38
N LEU D 16 38.56 -19.02 -0.53
CA LEU D 16 37.56 -17.97 -0.62
C LEU D 16 37.59 -17.05 0.60
N ASP D 17 37.56 -17.67 1.77
CA ASP D 17 37.58 -16.94 3.04
C ASP D 17 38.79 -16.04 3.13
N GLU D 18 39.93 -16.50 2.63
CA GLU D 18 41.17 -15.75 2.73
C GLU D 18 41.20 -14.59 1.73
N GLU D 19 40.47 -14.73 0.63
CA GLU D 19 40.42 -13.68 -0.39
C GLU D 19 39.31 -12.65 -0.12
N LYS D 20 38.66 -12.79 1.03
CA LYS D 20 37.56 -11.90 1.46
C LYS D 20 36.39 -11.91 0.47
N PHE D 21 36.10 -13.09 -0.07
CA PHE D 21 34.92 -13.31 -0.90
C PHE D 21 33.75 -13.80 -0.04
N LYS D 22 33.35 -12.97 0.92
CA LYS D 22 32.40 -13.36 1.96
C LYS D 22 31.13 -14.04 1.43
N GLU D 23 30.51 -13.42 0.43
CA GLU D 23 29.27 -13.94 -0.11
C GLU D 23 29.45 -15.31 -0.75
N THR D 24 30.53 -15.47 -1.52
CA THR D 24 30.74 -16.70 -2.26
C THR D 24 31.02 -17.86 -1.30
N VAL D 25 31.64 -17.54 -0.16
CA VAL D 25 31.93 -18.52 0.86
C VAL D 25 30.65 -19.22 1.31
N HIS D 26 29.66 -18.41 1.67
CA HIS D 26 28.41 -18.92 2.23
C HIS D 26 27.51 -19.52 1.14
N LYS D 27 27.64 -19.03 -0.09
CA LYS D 27 26.88 -19.59 -1.19
C LYS D 27 27.31 -21.03 -1.44
N LEU D 28 28.60 -21.28 -1.24
CA LEU D 28 29.14 -22.64 -1.38
C LEU D 28 28.84 -23.49 -0.15
N GLU D 29 28.88 -22.88 1.03
CA GLU D 29 28.48 -23.57 2.25
C GLU D 29 27.08 -24.11 2.07
N GLN D 30 26.22 -23.25 1.53
CA GLN D 30 24.82 -23.58 1.32
C GLN D 30 24.59 -24.66 0.25
N GLU D 31 25.01 -24.37 -0.97
CA GLU D 31 24.72 -25.26 -2.10
C GLU D 31 25.37 -26.63 -1.96
N SER D 32 26.52 -26.69 -1.30
CA SER D 32 27.21 -27.96 -1.10
C SER D 32 26.65 -28.70 0.10
N GLY D 33 26.21 -27.95 1.11
CA GLY D 33 25.64 -28.51 2.31
C GLY D 33 26.64 -29.33 3.10
N PHE D 34 27.91 -28.92 3.05
CA PHE D 34 28.99 -29.66 3.68
C PHE D 34 29.37 -29.06 5.04
N PHE D 35 29.37 -27.73 5.12
CA PHE D 35 29.70 -27.06 6.37
C PHE D 35 28.69 -25.96 6.72
N PHE D 36 28.26 -25.94 7.99
CA PHE D 36 27.30 -24.94 8.47
C PHE D 36 27.99 -23.87 9.31
N ASN D 37 28.20 -22.69 8.72
CA ASN D 37 28.86 -21.58 9.42
C ASN D 37 27.98 -21.02 10.53
N MET D 38 28.36 -21.30 11.78
CA MET D 38 27.58 -20.88 12.93
C MET D 38 27.68 -19.38 13.18
N LYS D 39 28.87 -18.81 13.01
CA LYS D 39 29.05 -17.37 13.24
C LYS D 39 28.31 -16.53 12.21
N TYR D 40 28.09 -17.09 11.03
CA TYR D 40 27.33 -16.41 9.98
C TYR D 40 25.84 -16.43 10.29
N PHE D 41 25.35 -17.59 10.71
CA PHE D 41 23.94 -17.77 11.03
C PHE D 41 23.49 -16.78 12.10
N GLU D 42 24.25 -16.72 13.18
CA GLU D 42 23.99 -15.80 14.29
C GLU D 42 23.95 -14.35 13.81
N GLU D 43 24.94 -13.99 13.00
CA GLU D 43 25.04 -12.67 12.41
C GLU D 43 23.76 -12.31 11.65
N LYS D 44 23.21 -13.31 10.96
CA LYS D 44 22.01 -13.09 10.16
C LYS D 44 20.75 -13.07 11.02
N VAL D 45 20.72 -13.88 12.07
CA VAL D 45 19.58 -13.90 12.98
C VAL D 45 19.45 -12.58 13.73
N HIS D 46 20.59 -12.00 14.10
CA HIS D 46 20.61 -10.70 14.75
C HIS D 46 20.22 -9.60 13.77
N ALA D 47 20.54 -9.80 12.51
CA ALA D 47 20.27 -8.81 11.48
C ALA D 47 18.83 -8.90 11.00
N GLY D 48 18.13 -9.95 11.43
CA GLY D 48 16.73 -10.13 11.07
C GLY D 48 16.53 -10.45 9.61
N GLU D 49 17.57 -11.01 9.00
CA GLU D 49 17.51 -11.43 7.61
C GLU D 49 16.83 -12.78 7.48
N TRP D 50 15.55 -12.83 7.84
CA TRP D 50 14.83 -14.11 7.89
C TRP D 50 14.82 -14.80 6.53
N ASP D 51 14.67 -14.01 5.47
CA ASP D 51 14.71 -14.55 4.12
C ASP D 51 16.05 -15.25 3.85
N GLU D 52 17.15 -14.55 4.14
CA GLU D 52 18.47 -15.15 3.97
C GLU D 52 18.66 -16.33 4.91
N VAL D 53 18.27 -16.14 6.17
CA VAL D 53 18.38 -17.20 7.18
C VAL D 53 17.72 -18.49 6.71
N GLU D 54 16.47 -18.39 6.24
CA GLU D 54 15.73 -19.57 5.77
C GLU D 54 16.31 -20.13 4.49
N LYS D 55 16.90 -19.26 3.67
CA LYS D 55 17.50 -19.67 2.40
C LYS D 55 18.81 -20.42 2.62
N TYR D 56 19.49 -20.10 3.73
CA TYR D 56 20.75 -20.73 4.08
C TYR D 56 20.52 -22.11 4.71
N LEU D 57 19.45 -22.23 5.48
CA LEU D 57 19.08 -23.50 6.09
C LEU D 57 18.59 -24.49 5.04
N SER D 58 18.14 -23.96 3.91
CA SER D 58 17.53 -24.79 2.88
C SER D 58 18.54 -25.71 2.21
N GLY D 59 19.81 -25.34 2.27
CA GLY D 59 20.88 -26.14 1.67
C GLY D 59 21.23 -27.36 2.50
N PHE D 60 20.65 -27.46 3.69
CA PHE D 60 20.95 -28.56 4.59
C PHE D 60 19.69 -29.40 4.85
N THR D 61 18.57 -28.73 5.07
CA THR D 61 17.35 -29.41 5.48
C THR D 61 16.06 -28.67 5.06
N LYS D 62 15.01 -29.44 4.81
CA LYS D 62 13.69 -28.88 4.55
C LYS D 62 12.87 -28.79 5.84
N VAL D 63 11.72 -28.14 5.77
CA VAL D 63 10.97 -27.78 6.96
C VAL D 63 10.41 -29.01 7.70
N ASP D 64 10.15 -30.10 6.97
CA ASP D 64 9.47 -31.25 7.54
C ASP D 64 10.34 -32.50 7.65
N ASP D 65 11.66 -32.34 7.62
CA ASP D 65 12.57 -33.49 7.62
C ASP D 65 12.56 -34.24 8.96
N ASN D 66 12.81 -33.54 10.06
CA ASN D 66 12.70 -34.12 11.38
C ASN D 66 12.09 -33.14 12.37
N ARG D 67 12.09 -33.52 13.64
CA ARG D 67 11.45 -32.71 14.67
C ARG D 67 12.24 -31.44 15.01
N TYR D 68 13.57 -31.54 14.96
CA TYR D 68 14.42 -30.41 15.32
C TYR D 68 14.32 -29.31 14.28
N SER D 69 14.50 -29.66 13.01
CA SER D 69 14.43 -28.69 11.92
C SER D 69 13.06 -28.04 11.85
N MET D 70 12.04 -28.81 12.21
CA MET D 70 10.67 -28.30 12.19
C MET D 70 10.49 -27.18 13.23
N LYS D 71 11.06 -27.36 14.41
CA LYS D 71 10.95 -26.31 15.43
C LYS D 71 11.85 -25.13 15.08
N ILE D 72 12.95 -25.42 14.38
CA ILE D 72 13.86 -24.37 13.94
C ILE D 72 13.16 -23.36 13.03
N PHE D 73 12.52 -23.86 11.99
CA PHE D 73 11.77 -23.03 11.06
C PHE D 73 10.60 -22.34 11.75
N PHE D 74 9.85 -23.12 12.54
CA PHE D 74 8.72 -22.59 13.29
C PHE D 74 9.11 -21.35 14.09
N GLU D 75 10.16 -21.47 14.90
CA GLU D 75 10.61 -20.37 15.74
C GLU D 75 10.92 -19.12 14.93
N ILE D 76 11.62 -19.29 13.82
CA ILE D 76 12.02 -18.17 12.97
C ILE D 76 10.81 -17.45 12.37
N ARG D 77 9.83 -18.23 11.93
CA ARG D 77 8.60 -17.69 11.36
C ARG D 77 7.75 -17.00 12.43
N LYS D 78 7.73 -17.60 13.63
CA LYS D 78 7.08 -16.98 14.78
C LYS D 78 7.68 -15.61 15.08
N GLN D 79 9.00 -15.54 15.10
CA GLN D 79 9.67 -14.27 15.39
C GLN D 79 9.39 -13.26 14.28
N LYS D 80 9.41 -13.73 13.05
CA LYS D 80 9.08 -12.87 11.92
C LYS D 80 7.66 -12.35 12.12
N TYR D 81 6.77 -13.25 12.51
CA TYR D 81 5.37 -12.94 12.78
C TYR D 81 5.24 -11.85 13.85
N LEU D 82 6.06 -11.96 14.88
CA LEU D 82 5.95 -11.08 16.04
C LEU D 82 6.43 -9.66 15.73
N GLU D 83 7.53 -9.56 15.00
CA GLU D 83 8.10 -8.27 14.64
C GLU D 83 7.15 -7.49 13.76
N ALA D 84 6.35 -8.23 12.99
CA ALA D 84 5.32 -7.62 12.16
C ALA D 84 4.25 -6.98 13.03
N LEU D 85 3.84 -7.69 14.07
CA LEU D 85 2.84 -7.17 15.00
C LEU D 85 3.32 -5.91 15.71
N ASP D 86 4.59 -5.87 16.07
CA ASP D 86 5.13 -4.76 16.87
C ASP D 86 5.20 -3.42 16.11
N ARG D 87 5.39 -3.46 14.80
CA ARG D 87 5.39 -2.23 14.02
C ARG D 87 3.97 -1.92 13.54
N HIS D 88 3.02 -2.67 14.05
CA HIS D 88 1.59 -2.51 13.75
C HIS D 88 1.25 -2.71 12.28
N ASP D 89 2.10 -3.46 11.58
CA ASP D 89 1.83 -3.85 10.20
C ASP D 89 1.08 -5.18 10.19
N ARG D 90 -0.18 -5.16 10.65
CA ARG D 90 -0.99 -6.36 10.73
C ARG D 90 -1.17 -7.00 9.37
N ALA D 91 -1.16 -6.18 8.33
CA ALA D 91 -1.26 -6.68 6.96
C ALA D 91 -0.14 -7.68 6.68
N LYS D 92 1.09 -7.31 7.06
CA LYS D 92 2.23 -8.20 6.87
C LYS D 92 2.14 -9.41 7.80
N ALA D 93 1.61 -9.20 9.00
CA ALA D 93 1.49 -10.27 9.99
C ALA D 93 0.59 -11.37 9.49
N VAL D 94 -0.51 -10.97 8.86
CA VAL D 94 -1.45 -11.93 8.30
C VAL D 94 -0.79 -12.75 7.21
N ASP D 95 -0.11 -12.06 6.29
CA ASP D 95 0.60 -12.70 5.19
C ASP D 95 1.51 -13.80 5.70
N ILE D 96 2.27 -13.53 6.77
CA ILE D 96 3.16 -14.51 7.36
C ILE D 96 2.41 -15.66 8.02
N LEU D 97 1.29 -15.33 8.67
CA LEU D 97 0.50 -16.33 9.39
C LEU D 97 -0.03 -17.41 8.47
N VAL D 98 -0.45 -17.02 7.27
CA VAL D 98 -1.05 -17.96 6.34
C VAL D 98 -0.02 -18.57 5.39
N LYS D 99 0.94 -17.77 4.95
CA LYS D 99 1.95 -18.24 3.98
C LYS D 99 2.97 -19.19 4.59
N ASP D 100 3.56 -18.78 5.71
CA ASP D 100 4.67 -19.50 6.32
C ASP D 100 4.22 -20.41 7.45
N LEU D 101 3.46 -19.84 8.38
CA LEU D 101 3.11 -20.53 9.62
C LEU D 101 2.01 -21.59 9.49
N LYS D 102 1.17 -21.49 8.45
CA LYS D 102 0.00 -22.37 8.38
C LYS D 102 0.39 -23.85 8.24
N VAL D 103 1.61 -24.10 7.80
CA VAL D 103 2.07 -25.49 7.60
C VAL D 103 2.19 -26.26 8.93
N PHE D 104 2.24 -25.54 10.05
CA PHE D 104 2.39 -26.16 11.36
C PHE D 104 1.05 -26.37 12.05
N SER D 105 -0.04 -26.08 11.36
CA SER D 105 -1.37 -26.14 11.98
C SER D 105 -1.84 -27.58 12.17
N THR D 106 -1.48 -28.43 11.22
CA THR D 106 -1.83 -29.84 11.25
C THR D 106 -1.32 -30.53 12.52
N PHE D 107 -0.09 -30.20 12.90
CA PHE D 107 0.57 -30.84 14.02
C PHE D 107 0.10 -30.29 15.37
N ASN D 108 -0.30 -29.01 15.41
CA ASN D 108 -0.87 -28.41 16.62
C ASN D 108 -1.97 -27.40 16.30
N GLU D 109 -3.21 -27.86 16.26
CA GLU D 109 -4.34 -27.00 15.88
C GLU D 109 -4.58 -25.87 16.88
N GLU D 110 -4.47 -26.19 18.17
CA GLU D 110 -4.79 -25.22 19.22
C GLU D 110 -3.75 -24.13 19.36
N LEU D 111 -2.52 -24.44 18.98
CA LEU D 111 -1.46 -23.47 19.07
C LEU D 111 -1.61 -22.45 17.94
N TYR D 112 -1.98 -22.95 16.76
CA TYR D 112 -2.18 -22.08 15.61
C TYR D 112 -3.27 -21.06 15.91
N LYS D 113 -4.37 -21.53 16.49
CA LYS D 113 -5.47 -20.65 16.89
C LYS D 113 -5.00 -19.59 17.88
N GLU D 114 -4.22 -20.03 18.88
CA GLU D 114 -3.75 -19.14 19.94
C GLU D 114 -2.76 -18.11 19.39
N ILE D 115 -2.01 -18.51 18.38
CA ILE D 115 -1.08 -17.60 17.69
C ILE D 115 -1.83 -16.66 16.76
N THR D 116 -2.84 -17.19 16.09
CA THR D 116 -3.74 -16.41 15.25
C THR D 116 -4.37 -15.24 16.00
N GLN D 117 -4.76 -15.50 17.24
CA GLN D 117 -5.52 -14.52 18.03
C GLN D 117 -4.68 -13.34 18.51
N LEU D 118 -3.38 -13.38 18.25
CA LEU D 118 -2.49 -12.30 18.64
C LEU D 118 -2.70 -11.05 17.78
N LEU D 119 -3.30 -11.23 16.61
CA LEU D 119 -3.67 -10.10 15.76
C LEU D 119 -4.61 -9.15 16.49
N THR D 120 -5.61 -9.73 17.14
CA THR D 120 -6.70 -8.99 17.76
C THR D 120 -6.30 -8.35 19.09
N LEU D 121 -5.04 -8.50 19.48
CA LEU D 121 -4.56 -7.90 20.72
C LEU D 121 -3.93 -6.54 20.46
N GLU D 122 -4.17 -5.60 21.37
CA GLU D 122 -3.60 -4.26 21.25
C GLU D 122 -2.09 -4.36 21.46
N ASN D 123 -1.69 -5.32 22.29
CA ASN D 123 -0.29 -5.66 22.52
C ASN D 123 -0.24 -7.13 22.94
N PHE D 124 0.45 -7.96 22.16
CA PHE D 124 0.41 -9.41 22.37
C PHE D 124 1.12 -9.85 23.66
N ARG D 125 1.59 -8.88 24.44
CA ARG D 125 2.12 -9.14 25.77
C ARG D 125 0.98 -9.31 26.78
N GLU D 126 -0.25 -9.12 26.32
CA GLU D 126 -1.43 -9.43 27.12
C GLU D 126 -1.53 -10.94 27.31
N ASN D 127 -0.98 -11.69 26.34
CA ASN D 127 -0.75 -13.12 26.52
C ASN D 127 0.43 -13.27 27.47
N GLU D 128 0.23 -14.03 28.54
CA GLU D 128 1.23 -14.12 29.60
C GLU D 128 2.48 -14.91 29.17
N GLN D 129 2.32 -15.78 28.18
CA GLN D 129 3.43 -16.59 27.69
C GLN D 129 4.37 -15.78 26.81
N LEU D 130 3.88 -14.64 26.32
CA LEU D 130 4.66 -13.75 25.49
C LEU D 130 4.90 -12.41 26.17
N SER D 131 4.64 -12.36 27.47
CA SER D 131 4.81 -11.13 28.24
C SER D 131 6.28 -10.88 28.49
N LYS D 132 7.10 -11.87 28.16
CA LYS D 132 8.55 -11.71 28.32
C LYS D 132 9.30 -11.32 27.05
N TYR D 133 8.59 -10.86 26.02
CA TYR D 133 9.21 -10.21 24.85
C TYR D 133 9.66 -8.81 25.26
N GLY D 134 10.97 -8.60 25.27
CA GLY D 134 11.56 -7.39 25.80
C GLY D 134 11.75 -6.31 24.75
N ASP D 135 12.52 -6.63 23.70
CA ASP D 135 12.58 -5.80 22.50
C ASP D 135 13.05 -6.65 21.33
N THR D 136 13.30 -6.02 20.17
CA THR D 136 13.64 -6.77 18.97
C THR D 136 15.02 -7.42 19.12
N LYS D 137 15.98 -6.67 19.66
CA LYS D 137 17.33 -7.18 19.87
C LYS D 137 17.38 -8.32 20.90
N SER D 138 16.76 -8.10 22.06
CA SER D 138 16.80 -9.09 23.14
C SER D 138 16.05 -10.37 22.76
N ALA D 139 14.99 -10.23 21.99
CA ALA D 139 14.17 -11.37 21.60
C ALA D 139 14.85 -12.23 20.54
N ARG D 140 15.54 -11.58 19.60
CA ARG D 140 16.34 -12.30 18.63
C ARG D 140 17.47 -13.04 19.35
N SER D 141 18.05 -12.38 20.34
CA SER D 141 19.16 -12.92 21.11
C SER D 141 18.78 -14.15 21.93
N ILE D 142 17.67 -14.07 22.67
CA ILE D 142 17.22 -15.19 23.50
C ILE D 142 16.76 -16.35 22.63
N MET D 143 16.23 -16.02 21.46
CA MET D 143 15.81 -17.03 20.51
C MET D 143 17.01 -17.69 19.84
N LEU D 144 17.98 -16.88 19.46
CA LEU D 144 19.23 -17.35 18.85
C LEU D 144 19.85 -18.47 19.68
N ILE D 145 19.87 -18.24 20.99
CA ILE D 145 20.43 -19.21 21.93
C ILE D 145 19.64 -20.52 21.94
N GLU D 146 18.32 -20.42 21.74
CA GLU D 146 17.48 -21.61 21.61
C GLU D 146 17.74 -22.30 20.27
N LEU D 147 18.09 -21.50 19.27
CA LEU D 147 18.34 -22.01 17.93
C LEU D 147 19.66 -22.78 17.85
N LYS D 148 20.69 -22.27 18.51
CA LYS D 148 21.99 -22.94 18.58
C LYS D 148 21.84 -24.35 19.13
N LYS D 149 21.01 -24.46 20.17
CA LYS D 149 20.74 -25.74 20.81
C LYS D 149 20.05 -26.70 19.86
N LEU D 150 19.05 -26.19 19.15
CA LEU D 150 18.25 -26.99 18.22
C LEU D 150 19.10 -27.51 17.07
N ILE D 151 20.05 -26.70 16.62
CA ILE D 151 20.92 -27.07 15.52
C ILE D 151 21.98 -28.10 15.94
N GLU D 152 22.63 -27.86 17.07
CA GLU D 152 23.70 -28.73 17.57
C GLU D 152 23.20 -30.10 17.98
N ALA D 153 21.89 -30.23 18.17
CA ALA D 153 21.28 -31.50 18.53
C ALA D 153 20.81 -32.26 17.29
N ASN D 154 20.44 -31.51 16.26
CA ASN D 154 19.94 -32.07 15.01
C ASN D 154 20.95 -33.04 14.38
N PRO D 155 20.51 -34.28 14.07
CA PRO D 155 21.36 -35.29 13.45
C PRO D 155 21.86 -34.89 12.06
N LEU D 156 21.06 -34.14 11.33
CA LEU D 156 21.42 -33.69 9.98
C LEU D 156 22.52 -32.64 9.99
N PHE D 157 22.76 -32.04 11.15
CA PHE D 157 23.77 -30.99 11.28
C PHE D 157 24.98 -31.43 12.10
N ARG D 158 24.77 -32.36 13.03
CA ARG D 158 25.74 -32.69 14.07
C ARG D 158 27.15 -33.01 13.55
N GLU D 159 27.26 -33.36 12.27
CA GLU D 159 28.54 -33.72 11.66
C GLU D 159 29.06 -32.67 10.67
N LYS D 160 28.44 -31.49 10.68
CA LYS D 160 28.79 -30.44 9.74
C LYS D 160 29.01 -29.09 10.43
N LEU D 161 29.35 -29.11 11.71
CA LEU D 161 29.45 -27.88 12.50
C LEU D 161 30.89 -27.38 12.62
N VAL D 162 31.83 -28.31 12.60
CA VAL D 162 33.23 -27.96 12.82
C VAL D 162 34.03 -28.03 11.53
N PHE D 163 34.76 -26.95 11.25
CA PHE D 163 35.61 -26.84 10.06
C PHE D 163 36.92 -27.56 10.29
N PRO D 164 37.21 -28.60 9.48
CA PRO D 164 38.45 -29.38 9.56
C PRO D 164 39.70 -28.51 9.50
N THR D 165 40.50 -28.53 10.56
CA THR D 165 41.67 -27.68 10.68
C THR D 165 42.76 -28.06 9.69
N LEU D 166 43.36 -27.06 9.04
CA LEU D 166 44.48 -27.30 8.12
C LEU D 166 45.29 -26.03 7.82
N LYS D 167 46.38 -26.23 7.07
CA LYS D 167 47.33 -25.17 6.73
C LYS D 167 46.69 -24.00 6.03
N ALA D 168 47.13 -22.79 6.38
CA ALA D 168 46.68 -21.59 5.69
C ALA D 168 47.10 -21.65 4.22
N SER D 169 46.20 -21.25 3.32
CA SER D 169 46.44 -21.31 1.87
C SER D 169 46.83 -22.73 1.41
N ARG D 170 46.07 -23.72 1.85
CA ARG D 170 46.32 -25.11 1.48
C ARG D 170 46.16 -25.32 -0.02
N LEU D 171 45.17 -24.65 -0.60
CA LEU D 171 44.91 -24.78 -2.04
C LEU D 171 46.01 -24.10 -2.86
N ARG D 172 46.43 -22.91 -2.43
CA ARG D 172 47.54 -22.22 -3.05
C ARG D 172 48.85 -23.00 -2.95
N THR D 173 48.98 -23.81 -1.90
CA THR D 173 50.13 -24.68 -1.73
C THR D 173 50.09 -25.83 -2.74
N LEU D 174 48.94 -26.51 -2.77
CA LEU D 174 48.74 -27.62 -3.70
C LEU D 174 48.91 -27.21 -5.15
N ILE D 175 48.46 -26.00 -5.47
CA ILE D 175 48.58 -25.46 -6.82
C ILE D 175 50.02 -25.10 -7.12
N ASN D 176 50.70 -24.55 -6.12
CA ASN D 176 52.12 -24.23 -6.27
C ASN D 176 52.95 -25.49 -6.36
N GLN D 177 52.50 -26.55 -5.67
CA GLN D 177 53.06 -27.86 -5.92
C GLN D 177 52.92 -28.16 -7.41
N SER D 178 51.69 -28.16 -7.90
CA SER D 178 51.39 -28.49 -9.29
C SER D 178 52.22 -27.75 -10.36
N ALA D 179 52.54 -26.47 -10.10
CA ALA D 179 53.43 -25.72 -11.01
C ALA D 179 54.83 -26.36 -11.00
N ASN D 180 55.27 -26.79 -9.81
CA ASN D 180 56.43 -27.66 -9.66
C ASN D 180 56.14 -29.11 -10.06
N TRP D 181 54.92 -29.59 -10.06
CA TRP D 181 54.92 -31.06 -10.16
C TRP D 181 54.55 -31.67 -11.44
N GLN D 182 55.27 -32.74 -11.76
CA GLN D 182 54.79 -33.80 -12.61
C GLN D 182 54.73 -33.36 -14.07
N HIS D 183 55.58 -32.40 -14.38
CA HIS D 183 55.77 -31.90 -15.74
C HIS D 183 57.27 -32.08 -16.03
N GLN D 184 58.05 -31.80 -14.99
CA GLN D 184 59.52 -31.85 -14.96
C GLN D 184 60.17 -32.48 -16.20
N ASP E 1 27.88 3.71 -35.58
CA ASP E 1 27.30 2.40 -35.30
C ASP E 1 27.18 2.13 -33.80
N ASN E 2 27.56 3.08 -32.96
CA ASN E 2 27.01 3.15 -31.61
C ASN E 2 27.07 4.60 -31.22
N LEU E 3 26.34 4.88 -30.17
CA LEU E 3 25.92 6.22 -29.86
C LEU E 3 25.45 6.23 -28.42
N ILE E 4 26.26 6.80 -27.54
CA ILE E 4 25.99 6.63 -26.12
C ILE E 4 25.67 7.94 -25.41
N TYR E 5 24.69 8.66 -25.94
CA TYR E 5 24.09 9.75 -25.18
C TYR E 5 22.83 9.20 -24.51
N LEU E 6 22.30 9.95 -23.55
CA LEU E 6 21.12 9.51 -22.81
C LEU E 6 19.83 10.13 -23.35
N ASP E 7 18.84 9.29 -23.60
CA ASP E 7 17.53 9.73 -24.08
C ASP E 7 16.50 8.62 -23.91
N LEU E 8 15.30 8.84 -24.43
CA LEU E 8 14.23 7.84 -24.38
C LEU E 8 14.42 6.74 -25.42
N ASN E 9 14.58 7.12 -26.68
CA ASN E 9 14.86 6.17 -27.75
C ASN E 9 16.34 6.12 -28.10
#